data_3SPW
#
_entry.id   3SPW
#
_cell.length_a   73.460
_cell.length_b   54.760
_cell.length_c   121.860
_cell.angle_alpha   90.00
_cell.angle_beta   91.00
_cell.angle_gamma   90.00
#
_symmetry.space_group_name_H-M   'P 1 21 1'
#
loop_
_entity.id
_entity.type
_entity.pdbx_description
1 polymer 'Protein KES1'
2 non-polymer '(2R)-1-(heptadecanoyloxy)-3-{[(R)-hydroxy{[(1R,2R,3R,4R,5S,6R)-2,3,5,6-tetrahydroxy-4-(phosphonooxy)cyclohexyl]oxy}phosphoryl]oxy}propan-2-yl (5Z,8Z,11Z,14Z)-icosa-5,8,11,14-tetraenoate'
3 water water
#
_entity_poly.entity_id   1
_entity_poly.type   'polypeptide(L)'
_entity_poly.pdbx_seq_one_letter_code
;GSMSQYASSSSWTSFLKSIASFNGDLSSLSAPPFILSPISLTEFSQYWAEHPELFLEPSFINDDNYKEHCLIDPEVESPE
LARMLAVTKWFISTLKSQYCSRNESLGSEKKPLNPFLGELFVGKWENKEHPEFGETVLLSEQVSHHPPVTAFSIFNDKNK
VKLQGYNQIKASFTKSLMLTVKQFGHTMLDIKDESYLVTPPPLHIEGILVASPFVELEGKSYIQSSTGLLCVIEFSGRGY
FSGKKNSFKARIYKDSKDSKDKEKALYTISGQWSGSSKIIKANKKEESRLFYDAARIPAEHLNVKPLEEQHPLESRKAWY
DVAGAIKLGDFNLIAKTKTELEETQRELRKEEEAKGISWQRRWFKDFDYSVTPEEGALVPEKDDTFLKLASALNLSTKNA
PSGTLVGDKEDRKEDLSSIHWRFQRELWDEEKEIVL
;
_entity_poly.pdbx_strand_id   A,B
#
loop_
_chem_comp.id
_chem_comp.type
_chem_comp.name
_chem_comp.formula
T7M non-polymer '(2R)-1-(heptadecanoyloxy)-3-{[(R)-hydroxy{[(1R,2R,3R,4R,5S,6R)-2,3,5,6-tetrahydroxy-4-(phosphonooxy)cyclohexyl]oxy}phosphoryl]oxy}propan-2-yl (5Z,8Z,11Z,14Z)-icosa-5,8,11,14-tetraenoate' 'C46 H82 O16 P2'
#
# COMPACT_ATOMS: atom_id res chain seq x y z
N PHE A 15 -43.53 -4.25 21.17
CA PHE A 15 -43.11 -5.60 21.53
C PHE A 15 -41.60 -5.77 21.55
N LEU A 16 -41.00 -6.00 20.39
CA LEU A 16 -39.55 -6.16 20.28
C LEU A 16 -38.86 -4.80 20.40
N LYS A 17 -39.64 -3.73 20.39
CA LYS A 17 -39.10 -2.38 20.48
C LYS A 17 -38.34 -2.15 21.79
N SER A 18 -38.41 -3.12 22.69
CA SER A 18 -37.71 -3.04 23.96
C SER A 18 -36.20 -3.14 23.76
N ILE A 19 -35.78 -3.15 22.50
CA ILE A 19 -34.36 -3.18 22.16
C ILE A 19 -33.85 -1.77 21.84
N ALA A 20 -34.76 -0.81 21.88
CA ALA A 20 -34.43 0.58 21.57
C ALA A 20 -33.44 1.15 22.58
N SER A 21 -33.46 0.63 23.80
CA SER A 21 -32.58 1.10 24.86
C SER A 21 -31.11 0.82 24.55
N PHE A 22 -30.87 -0.12 23.63
CA PHE A 22 -29.51 -0.49 23.27
C PHE A 22 -28.80 0.61 22.51
N ASN A 23 -27.54 0.84 22.85
CA ASN A 23 -26.73 1.86 22.19
C ASN A 23 -25.63 1.24 21.33
N GLY A 24 -25.84 1.21 20.02
CA GLY A 24 -24.85 0.67 19.10
C GLY A 24 -25.47 -0.08 17.95
N ASP A 25 -24.63 -0.77 17.19
CA ASP A 25 -25.07 -1.53 16.02
C ASP A 25 -25.95 -2.71 16.46
N LEU A 26 -27.14 -2.82 15.88
CA LEU A 26 -28.09 -3.85 16.26
C LEU A 26 -27.60 -5.26 15.94
N SER A 27 -26.67 -5.36 15.00
CA SER A 27 -26.11 -6.66 14.63
C SER A 27 -25.39 -7.32 15.79
N SER A 28 -25.16 -6.54 16.84
CA SER A 28 -24.53 -7.04 18.06
C SER A 28 -25.55 -7.81 18.89
N LEU A 29 -26.82 -7.44 18.73
CA LEU A 29 -27.90 -8.11 19.44
C LEU A 29 -28.23 -9.44 18.77
N SER A 30 -29.31 -10.09 19.21
CA SER A 30 -29.76 -11.34 18.62
C SER A 30 -31.26 -11.28 18.32
N ALA A 31 -31.66 -11.83 17.17
CA ALA A 31 -33.04 -11.76 16.73
C ALA A 31 -33.88 -12.93 17.27
N PRO A 32 -35.10 -12.62 17.75
CA PRO A 32 -36.04 -13.65 18.20
C PRO A 32 -36.56 -14.48 17.02
N PRO A 33 -36.66 -15.81 17.20
CA PRO A 33 -37.04 -16.74 16.13
C PRO A 33 -38.29 -16.35 15.34
N PHE A 34 -39.22 -15.62 15.95
CA PHE A 34 -40.51 -15.36 15.32
C PHE A 34 -40.44 -14.30 14.22
N ILE A 35 -39.28 -13.68 14.06
CA ILE A 35 -39.10 -12.67 13.02
C ILE A 35 -38.18 -13.15 11.91
N LEU A 36 -37.59 -14.33 12.09
CA LEU A 36 -36.61 -14.85 11.14
C LEU A 36 -37.21 -15.36 9.84
N SER A 37 -36.55 -15.04 8.73
CA SER A 37 -36.90 -15.58 7.42
C SER A 37 -35.95 -16.72 7.10
N PRO A 38 -36.46 -17.76 6.42
CA PRO A 38 -35.63 -18.91 6.07
C PRO A 38 -34.60 -18.59 4.99
N ILE A 39 -34.58 -17.33 4.55
CA ILE A 39 -33.67 -16.90 3.49
C ILE A 39 -32.54 -16.03 4.01
N SER A 40 -31.32 -16.29 3.54
CA SER A 40 -30.16 -15.51 3.95
C SER A 40 -29.99 -14.25 3.09
N LEU A 41 -29.39 -13.22 3.67
CA LEU A 41 -29.17 -11.95 2.97
C LEU A 41 -28.26 -12.08 1.76
N THR A 42 -27.45 -13.13 1.72
CA THR A 42 -26.54 -13.36 0.61
C THR A 42 -27.30 -13.65 -0.69
N GLU A 43 -28.58 -14.02 -0.57
CA GLU A 43 -29.40 -14.30 -1.74
C GLU A 43 -29.97 -13.04 -2.35
N PHE A 44 -30.00 -11.97 -1.58
CA PHE A 44 -30.52 -10.69 -2.06
C PHE A 44 -29.59 -10.04 -3.09
N SER A 45 -28.40 -10.61 -3.27
CA SER A 45 -27.46 -10.12 -4.27
C SER A 45 -28.00 -10.27 -5.68
N GLN A 46 -28.88 -11.24 -5.88
CA GLN A 46 -29.44 -11.52 -7.20
C GLN A 46 -30.35 -10.39 -7.69
N TYR A 47 -30.80 -9.56 -6.76
CA TYR A 47 -31.73 -8.49 -7.09
C TYR A 47 -31.03 -7.29 -7.74
N TRP A 48 -29.80 -7.50 -8.19
CA TRP A 48 -29.08 -6.49 -8.95
C TRP A 48 -29.20 -6.75 -10.44
N ALA A 49 -29.70 -7.94 -10.79
CA ALA A 49 -29.88 -8.32 -12.18
C ALA A 49 -31.04 -9.30 -12.33
N GLU A 50 -32.11 -9.04 -11.60
CA GLU A 50 -33.26 -9.94 -11.57
C GLU A 50 -33.95 -10.06 -12.94
N HIS A 51 -33.90 -9.00 -13.73
CA HIS A 51 -34.41 -9.03 -15.10
C HIS A 51 -33.24 -9.06 -16.08
N PRO A 52 -32.93 -10.24 -16.60
CA PRO A 52 -31.73 -10.46 -17.44
C PRO A 52 -31.67 -9.56 -18.66
N GLU A 53 -32.82 -9.30 -19.30
CA GLU A 53 -32.84 -8.52 -20.52
C GLU A 53 -32.46 -7.05 -20.30
N LEU A 54 -32.81 -6.54 -19.12
CA LEU A 54 -32.50 -5.15 -18.79
C LEU A 54 -31.04 -5.02 -18.39
N PHE A 55 -30.53 -6.03 -17.72
CA PHE A 55 -29.14 -6.05 -17.29
C PHE A 55 -28.20 -6.06 -18.49
N LEU A 56 -28.62 -6.72 -19.57
CA LEU A 56 -27.79 -6.88 -20.76
C LEU A 56 -28.04 -5.83 -21.83
N GLU A 57 -29.20 -5.18 -21.78
CA GLU A 57 -29.61 -4.24 -22.83
C GLU A 57 -28.53 -3.27 -23.29
N PRO A 58 -27.89 -2.56 -22.34
CA PRO A 58 -26.85 -1.59 -22.71
C PRO A 58 -25.77 -2.17 -23.64
N SER A 59 -25.46 -3.45 -23.49
CA SER A 59 -24.39 -4.07 -24.28
C SER A 59 -24.80 -4.26 -25.74
N PHE A 60 -26.09 -4.10 -26.02
CA PHE A 60 -26.59 -4.27 -27.38
C PHE A 60 -26.67 -2.95 -28.14
N ILE A 61 -26.47 -1.85 -27.41
CA ILE A 61 -26.54 -0.52 -28.00
C ILE A 61 -25.18 -0.10 -28.55
N ASN A 62 -25.13 0.23 -29.84
CA ASN A 62 -23.89 0.62 -30.49
C ASN A 62 -24.07 1.79 -31.45
N ASP A 63 -22.96 2.24 -32.04
CA ASP A 63 -22.98 3.38 -32.96
C ASP A 63 -23.94 3.19 -34.13
N ASP A 64 -24.30 1.93 -34.41
CA ASP A 64 -25.08 1.61 -35.61
C ASP A 64 -26.57 1.28 -35.36
N ASN A 65 -27.00 1.26 -34.10
CA ASN A 65 -28.37 0.88 -33.76
C ASN A 65 -28.99 1.57 -32.53
N TYR A 66 -28.29 2.54 -31.97
CA TYR A 66 -28.77 3.17 -30.72
C TYR A 66 -30.16 3.79 -30.86
N LYS A 67 -30.40 4.46 -31.98
CA LYS A 67 -31.70 5.08 -32.24
C LYS A 67 -32.81 4.03 -32.25
N GLU A 68 -32.55 2.89 -32.86
CA GLU A 68 -33.54 1.81 -32.95
C GLU A 68 -33.70 1.08 -31.62
N HIS A 69 -32.73 1.26 -30.74
CA HIS A 69 -32.78 0.63 -29.40
C HIS A 69 -33.36 1.58 -28.36
N CYS A 70 -33.30 2.88 -28.65
CA CYS A 70 -33.84 3.88 -27.74
C CYS A 70 -35.29 4.18 -28.08
N LEU A 71 -36.17 3.22 -27.81
CA LEU A 71 -37.58 3.34 -28.14
C LEU A 71 -38.24 4.49 -27.39
N ILE A 72 -37.62 4.91 -26.29
CA ILE A 72 -38.15 6.00 -25.47
C ILE A 72 -37.84 7.34 -26.10
N ASP A 73 -36.88 7.34 -27.02
CA ASP A 73 -36.47 8.56 -27.72
C ASP A 73 -35.66 8.18 -28.96
N PRO A 74 -36.35 7.92 -30.07
CA PRO A 74 -35.70 7.53 -31.33
C PRO A 74 -34.87 8.68 -31.90
N GLU A 75 -34.85 9.81 -31.20
CA GLU A 75 -34.06 10.97 -31.62
C GLU A 75 -32.95 11.25 -30.62
N VAL A 76 -32.54 10.22 -29.89
CA VAL A 76 -31.47 10.37 -28.91
C VAL A 76 -30.17 10.78 -29.60
N GLU A 77 -29.42 11.68 -28.96
CA GLU A 77 -28.28 12.32 -29.59
C GLU A 77 -27.10 11.37 -29.85
N SER A 78 -26.91 10.40 -28.97
CA SER A 78 -25.75 9.52 -29.06
C SER A 78 -25.98 8.17 -28.39
N PRO A 79 -25.13 7.18 -28.72
CA PRO A 79 -25.17 5.87 -28.07
C PRO A 79 -24.83 5.96 -26.58
N GLU A 80 -23.88 6.81 -26.23
CA GLU A 80 -23.52 7.03 -24.83
C GLU A 80 -24.76 7.36 -24.02
N LEU A 81 -25.60 8.23 -24.59
CA LEU A 81 -26.81 8.68 -23.92
C LEU A 81 -27.88 7.60 -23.94
N ALA A 82 -27.99 6.90 -25.06
CA ALA A 82 -28.94 5.80 -25.19
C ALA A 82 -28.64 4.71 -24.17
N ARG A 83 -27.36 4.48 -23.90
CA ARG A 83 -26.96 3.48 -22.93
C ARG A 83 -27.22 3.95 -21.49
N MET A 84 -27.03 5.24 -21.24
CA MET A 84 -27.34 5.81 -19.94
C MET A 84 -28.81 5.62 -19.60
N LEU A 85 -29.68 5.79 -20.58
CA LEU A 85 -31.11 5.60 -20.40
C LEU A 85 -31.45 4.14 -20.06
N ALA A 86 -30.77 3.21 -20.73
CA ALA A 86 -30.97 1.80 -20.46
C ALA A 86 -30.47 1.43 -19.06
N VAL A 87 -29.33 1.98 -18.68
CA VAL A 87 -28.77 1.74 -17.35
C VAL A 87 -29.68 2.33 -16.27
N THR A 88 -30.23 3.51 -16.54
CA THR A 88 -31.16 4.13 -15.61
C THR A 88 -32.41 3.27 -15.44
N LYS A 89 -32.94 2.77 -16.55
CA LYS A 89 -34.09 1.89 -16.52
C LYS A 89 -33.76 0.62 -15.72
N TRP A 90 -32.55 0.10 -15.93
CA TRP A 90 -32.09 -1.08 -15.22
C TRP A 90 -32.01 -0.84 -13.70
N PHE A 91 -31.45 0.30 -13.32
CA PHE A 91 -31.32 0.64 -11.90
C PHE A 91 -32.69 0.73 -11.23
N ILE A 92 -33.64 1.36 -11.92
CA ILE A 92 -34.99 1.49 -11.38
C ILE A 92 -35.61 0.12 -11.13
N SER A 93 -35.39 -0.81 -12.07
CA SER A 93 -36.01 -2.12 -11.98
C SER A 93 -35.50 -2.95 -10.80
N THR A 94 -34.30 -2.63 -10.31
CA THR A 94 -33.71 -3.38 -9.21
C THR A 94 -34.30 -2.96 -7.87
N LEU A 95 -35.02 -1.85 -7.86
CA LEU A 95 -35.50 -1.26 -6.61
C LEU A 95 -36.64 -2.04 -5.95
N LYS A 96 -37.65 -2.39 -6.74
CA LYS A 96 -38.83 -3.06 -6.20
C LYS A 96 -38.46 -4.37 -5.51
N SER A 97 -37.87 -5.30 -6.26
CA SER A 97 -37.50 -6.60 -5.73
C SER A 97 -36.58 -6.50 -4.52
N GLN A 98 -35.96 -5.33 -4.35
CA GLN A 98 -34.98 -5.13 -3.30
C GLN A 98 -35.56 -4.39 -2.11
N TYR A 99 -36.65 -3.65 -2.34
CA TYR A 99 -37.26 -2.84 -1.28
C TYR A 99 -38.78 -2.97 -1.24
N CYS A 100 -39.29 -4.11 -1.71
CA CYS A 100 -40.73 -4.40 -1.65
C CYS A 100 -40.98 -5.84 -1.22
N SER A 108 -46.24 -11.12 8.88
CA SER A 108 -45.74 -9.94 8.21
C SER A 108 -44.46 -10.25 7.42
N GLU A 109 -43.61 -9.24 7.28
CA GLU A 109 -42.33 -9.42 6.60
C GLU A 109 -41.26 -9.86 7.60
N LYS A 110 -40.64 -11.00 7.35
CA LYS A 110 -39.63 -11.54 8.25
C LYS A 110 -38.24 -11.05 7.86
N LYS A 111 -37.36 -10.93 8.87
CA LYS A 111 -36.00 -10.46 8.65
C LYS A 111 -35.11 -11.58 8.09
N PRO A 112 -34.41 -11.30 6.99
CA PRO A 112 -33.46 -12.25 6.40
C PRO A 112 -32.36 -12.61 7.40
N LEU A 113 -31.81 -13.81 7.27
CA LEU A 113 -30.76 -14.28 8.18
C LEU A 113 -29.49 -13.45 8.04
N ASN A 114 -28.85 -13.17 9.17
CA ASN A 114 -27.54 -12.53 9.17
C ASN A 114 -26.47 -13.56 8.81
N PRO A 115 -25.92 -13.46 7.59
CA PRO A 115 -24.99 -14.46 7.07
C PRO A 115 -23.77 -14.66 7.96
N PHE A 116 -23.18 -15.85 7.92
CA PHE A 116 -21.97 -16.13 8.68
C PHE A 116 -20.74 -15.86 7.81
N LEU A 117 -19.63 -15.51 8.45
CA LEU A 117 -18.40 -15.18 7.75
C LEU A 117 -17.96 -16.32 6.82
N GLY A 118 -17.82 -16.00 5.55
CA GLY A 118 -17.38 -16.97 4.56
C GLY A 118 -18.52 -17.62 3.80
N GLU A 119 -19.75 -17.26 4.15
CA GLU A 119 -20.93 -17.83 3.51
C GLU A 119 -21.00 -17.48 2.03
N LEU A 120 -21.25 -18.49 1.20
CA LEU A 120 -21.29 -18.31 -0.24
C LEU A 120 -22.69 -18.56 -0.79
N PHE A 121 -23.03 -17.83 -1.85
CA PHE A 121 -24.25 -18.10 -2.60
C PHE A 121 -24.00 -17.87 -4.07
N VAL A 122 -24.07 -18.95 -4.84
CA VAL A 122 -23.81 -18.90 -6.27
C VAL A 122 -25.01 -19.39 -7.06
N GLY A 123 -25.16 -18.86 -8.27
CA GLY A 123 -26.25 -19.23 -9.14
C GLY A 123 -26.03 -18.70 -10.54
N LYS A 124 -27.01 -18.87 -11.41
CA LYS A 124 -26.87 -18.42 -12.79
C LYS A 124 -28.21 -18.28 -13.51
N TRP A 125 -28.33 -17.25 -14.33
CA TRP A 125 -29.42 -17.14 -15.27
C TRP A 125 -28.97 -17.76 -16.58
N GLU A 126 -29.63 -18.84 -16.99
CA GLU A 126 -29.22 -19.56 -18.20
C GLU A 126 -29.63 -18.82 -19.46
N ASN A 127 -30.76 -18.10 -19.40
CA ASN A 127 -31.26 -17.37 -20.55
C ASN A 127 -31.41 -18.27 -21.78
N LYS A 128 -32.08 -19.41 -21.59
CA LYS A 128 -32.21 -20.41 -22.64
C LYS A 128 -33.04 -19.95 -23.84
N GLU A 129 -34.08 -19.17 -23.57
CA GLU A 129 -34.94 -18.66 -24.65
C GLU A 129 -34.32 -17.46 -25.36
N HIS A 130 -33.07 -17.16 -25.02
CA HIS A 130 -32.32 -16.09 -25.67
C HIS A 130 -30.86 -16.47 -25.79
N PRO A 131 -30.53 -17.28 -26.80
CA PRO A 131 -29.15 -17.76 -26.99
C PRO A 131 -28.16 -16.61 -27.14
N GLU A 132 -28.63 -15.44 -27.57
CA GLU A 132 -27.76 -14.29 -27.75
C GLU A 132 -27.39 -13.65 -26.41
N PHE A 133 -28.15 -13.98 -25.38
CA PHE A 133 -27.86 -13.47 -24.03
C PHE A 133 -26.64 -14.17 -23.44
N GLY A 134 -26.60 -15.50 -23.54
CA GLY A 134 -25.55 -16.27 -22.93
C GLY A 134 -25.81 -16.46 -21.46
N GLU A 135 -24.87 -17.11 -20.77
CA GLU A 135 -25.01 -17.41 -19.35
C GLU A 135 -24.53 -16.24 -18.49
N THR A 136 -25.35 -15.85 -17.52
CA THR A 136 -24.98 -14.82 -16.56
C THR A 136 -24.78 -15.42 -15.18
N VAL A 137 -23.60 -15.18 -14.60
CA VAL A 137 -23.22 -15.82 -13.34
C VAL A 137 -23.38 -14.90 -12.14
N LEU A 138 -23.92 -15.44 -11.06
CA LEU A 138 -24.02 -14.73 -9.80
C LEU A 138 -23.10 -15.33 -8.74
N LEU A 139 -22.15 -14.53 -8.27
CA LEU A 139 -21.30 -14.92 -7.15
C LEU A 139 -21.55 -13.97 -5.98
N SER A 140 -21.71 -14.52 -4.79
CA SER A 140 -21.99 -13.73 -3.60
C SER A 140 -21.27 -14.32 -2.38
N GLU A 141 -20.62 -13.46 -1.61
CA GLU A 141 -19.86 -13.91 -0.45
C GLU A 141 -19.98 -12.95 0.72
N GLN A 142 -20.09 -13.51 1.92
CA GLN A 142 -20.10 -12.71 3.14
C GLN A 142 -18.66 -12.45 3.59
N VAL A 143 -18.14 -11.28 3.24
CA VAL A 143 -16.74 -10.95 3.49
C VAL A 143 -16.53 -10.33 4.87
N SER A 144 -17.60 -10.17 5.64
CA SER A 144 -17.49 -9.64 6.99
C SER A 144 -18.72 -9.97 7.84
N HIS A 145 -18.49 -10.24 9.11
CA HIS A 145 -19.56 -10.56 10.05
C HIS A 145 -19.62 -9.51 11.15
N HIS A 146 -18.48 -8.88 11.41
CA HIS A 146 -18.39 -7.80 12.38
C HIS A 146 -17.71 -6.58 11.75
N PRO A 147 -18.49 -5.71 11.11
CA PRO A 147 -19.95 -5.79 10.95
C PRO A 147 -20.32 -6.60 9.71
N PRO A 148 -21.62 -6.90 9.53
CA PRO A 148 -22.09 -7.66 8.37
C PRO A 148 -21.84 -6.95 7.04
N VAL A 149 -21.08 -7.57 6.15
CA VAL A 149 -20.84 -7.02 4.82
C VAL A 149 -20.92 -8.11 3.76
N THR A 150 -21.73 -7.86 2.73
CA THR A 150 -21.90 -8.83 1.65
C THR A 150 -21.29 -8.32 0.35
N ALA A 151 -20.34 -9.07 -0.19
CA ALA A 151 -19.75 -8.74 -1.48
C ALA A 151 -20.42 -9.59 -2.56
N PHE A 152 -20.38 -9.11 -3.80
CA PHE A 152 -21.08 -9.78 -4.88
C PHE A 152 -20.55 -9.43 -6.27
N SER A 153 -20.86 -10.29 -7.23
CA SER A 153 -20.49 -10.05 -8.62
C SER A 153 -21.47 -10.76 -9.54
N ILE A 154 -21.86 -10.08 -10.62
CA ILE A 154 -22.74 -10.66 -11.62
C ILE A 154 -22.16 -10.37 -13.00
N PHE A 155 -21.82 -11.40 -13.75
CA PHE A 155 -21.16 -11.19 -15.03
C PHE A 155 -21.70 -12.06 -16.17
N ASN A 156 -21.67 -11.49 -17.38
CA ASN A 156 -22.07 -12.18 -18.59
C ASN A 156 -20.93 -12.08 -19.60
N ASP A 157 -20.09 -13.11 -19.66
CA ASP A 157 -18.90 -13.09 -20.51
C ASP A 157 -19.22 -12.92 -21.99
N LYS A 158 -20.34 -13.50 -22.42
CA LYS A 158 -20.70 -13.47 -23.84
C LYS A 158 -20.92 -12.05 -24.36
N ASN A 159 -21.46 -11.18 -23.50
CA ASN A 159 -21.75 -9.81 -23.90
C ASN A 159 -20.90 -8.78 -23.17
N LYS A 160 -19.92 -9.24 -22.40
CA LYS A 160 -18.98 -8.37 -21.73
C LYS A 160 -19.65 -7.37 -20.79
N VAL A 161 -20.64 -7.85 -20.03
CA VAL A 161 -21.28 -7.05 -19.00
C VAL A 161 -20.85 -7.57 -17.64
N LYS A 162 -20.21 -6.71 -16.84
CA LYS A 162 -19.71 -7.13 -15.54
C LYS A 162 -20.18 -6.19 -14.44
N LEU A 163 -20.64 -6.77 -13.34
CA LEU A 163 -21.07 -6.00 -12.18
C LEU A 163 -20.41 -6.54 -10.91
N GLN A 164 -20.01 -5.64 -10.03
CA GLN A 164 -19.45 -6.01 -8.75
C GLN A 164 -19.73 -4.91 -7.73
N GLY A 165 -19.73 -5.28 -6.46
CA GLY A 165 -19.98 -4.32 -5.40
C GLY A 165 -20.18 -5.01 -4.07
N TYR A 166 -20.35 -4.23 -3.01
CA TYR A 166 -20.61 -4.78 -1.70
C TYR A 166 -21.67 -3.97 -0.97
N ASN A 167 -22.27 -4.58 0.05
CA ASN A 167 -23.38 -3.96 0.76
C ASN A 167 -23.21 -4.09 2.27
N GLN A 168 -23.56 -3.03 3.00
CA GLN A 168 -23.50 -3.03 4.45
C GLN A 168 -24.65 -2.23 5.04
N ILE A 169 -25.40 -2.84 5.95
CA ILE A 169 -26.52 -2.18 6.60
C ILE A 169 -26.24 -1.94 8.08
N LYS A 170 -26.24 -0.67 8.47
CA LYS A 170 -25.98 -0.31 9.86
C LYS A 170 -27.26 0.22 10.51
N ALA A 171 -27.93 -0.65 11.26
CA ALA A 171 -29.13 -0.25 11.97
C ALA A 171 -28.77 0.25 13.35
N SER A 172 -29.35 1.37 13.74
CA SER A 172 -29.02 2.01 15.00
C SER A 172 -30.25 2.61 15.67
N PHE A 173 -30.13 2.85 16.96
CA PHE A 173 -31.22 3.42 17.74
C PHE A 173 -30.75 4.64 18.50
N MET A 178 -35.90 6.27 18.07
CA MET A 178 -35.95 6.33 16.61
C MET A 178 -34.96 5.36 15.99
N LEU A 179 -35.44 4.58 15.02
CA LEU A 179 -34.61 3.60 14.33
C LEU A 179 -33.94 4.20 13.10
N THR A 180 -32.62 4.29 13.13
CA THR A 180 -31.86 4.79 11.99
C THR A 180 -31.27 3.64 11.19
N VAL A 181 -31.25 3.77 9.87
CA VAL A 181 -30.68 2.74 9.01
C VAL A 181 -29.74 3.34 7.99
N LYS A 182 -28.44 3.13 8.19
CA LYS A 182 -27.43 3.67 7.28
C LYS A 182 -27.04 2.64 6.22
N GLN A 183 -26.85 3.11 5.00
CA GLN A 183 -26.44 2.25 3.89
C GLN A 183 -25.00 2.54 3.49
N PHE A 184 -24.18 1.50 3.44
CA PHE A 184 -22.78 1.66 3.05
C PHE A 184 -22.43 0.81 1.83
N GLY A 185 -21.48 1.30 1.04
CA GLY A 185 -21.00 0.55 -0.12
C GLY A 185 -21.39 1.18 -1.44
N HIS A 186 -21.07 0.46 -2.52
CA HIS A 186 -21.39 0.92 -3.87
C HIS A 186 -21.25 -0.22 -4.87
N THR A 187 -21.76 -0.01 -6.08
CA THR A 187 -21.73 -1.02 -7.12
C THR A 187 -21.19 -0.44 -8.43
N MET A 188 -20.34 -1.20 -9.11
CA MET A 188 -19.78 -0.77 -10.38
C MET A 188 -20.20 -1.67 -11.52
N LEU A 189 -20.74 -1.06 -12.58
CA LEU A 189 -21.21 -1.79 -13.75
C LEU A 189 -20.34 -1.46 -14.96
N ASP A 190 -19.87 -2.50 -15.65
CA ASP A 190 -19.09 -2.32 -16.87
C ASP A 190 -19.80 -2.90 -18.08
N ILE A 191 -20.17 -2.02 -19.01
CA ILE A 191 -20.70 -2.45 -20.30
C ILE A 191 -19.59 -2.33 -21.34
N LYS A 192 -18.91 -3.44 -21.59
CA LYS A 192 -17.71 -3.44 -22.42
C LYS A 192 -16.65 -2.52 -21.83
N ASP A 193 -16.21 -1.53 -22.58
CA ASP A 193 -15.18 -0.61 -22.11
C ASP A 193 -15.78 0.62 -21.41
N GLU A 194 -17.07 0.56 -21.13
CA GLU A 194 -17.78 1.70 -20.55
C GLU A 194 -18.15 1.41 -19.10
N SER A 195 -17.90 2.36 -18.21
CA SER A 195 -18.07 2.14 -16.77
C SER A 195 -19.20 2.96 -16.16
N TYR A 196 -19.82 2.40 -15.14
CA TYR A 196 -20.87 3.09 -14.39
C TYR A 196 -20.72 2.87 -12.90
N LEU A 197 -20.71 3.96 -12.14
CA LEU A 197 -20.65 3.89 -10.68
C LEU A 197 -22.05 4.10 -10.11
N VAL A 198 -22.49 3.16 -9.26
CA VAL A 198 -23.83 3.23 -8.68
C VAL A 198 -23.79 3.18 -7.16
N THR A 199 -24.48 4.13 -6.53
CA THR A 199 -24.53 4.19 -5.07
C THR A 199 -25.95 3.95 -4.55
N PRO A 200 -26.09 2.98 -3.63
CA PRO A 200 -27.38 2.63 -3.03
C PRO A 200 -28.03 3.81 -2.31
N PRO A 201 -29.37 3.85 -2.29
CA PRO A 201 -30.12 4.96 -1.70
C PRO A 201 -30.26 4.86 -0.19
N PRO A 202 -30.24 6.01 0.50
CA PRO A 202 -30.54 6.08 1.94
C PRO A 202 -31.99 5.65 2.17
N LEU A 203 -32.30 5.13 3.35
CA LEU A 203 -33.65 4.66 3.61
C LEU A 203 -34.06 4.75 5.08
N HIS A 204 -35.34 4.49 5.33
CA HIS A 204 -35.88 4.44 6.68
C HIS A 204 -37.12 3.57 6.71
N ILE A 205 -37.38 2.94 7.86
CA ILE A 205 -38.49 2.00 8.00
C ILE A 205 -39.80 2.56 7.47
N VAL A 215 -40.63 -0.10 4.38
CA VAL A 215 -39.37 0.56 4.08
C VAL A 215 -39.54 1.62 2.99
N GLU A 216 -39.00 2.81 3.25
CA GLU A 216 -39.06 3.91 2.30
C GLU A 216 -37.67 4.45 2.01
N LEU A 217 -37.47 4.89 0.76
CA LEU A 217 -36.18 5.43 0.35
C LEU A 217 -36.14 6.95 0.53
N GLU A 218 -34.95 7.48 0.79
CA GLU A 218 -34.77 8.91 0.92
C GLU A 218 -33.42 9.31 0.34
N GLY A 219 -33.15 10.61 0.30
CA GLY A 219 -31.89 11.11 -0.21
C GLY A 219 -31.72 10.89 -1.69
N LYS A 220 -30.47 10.69 -2.12
CA LYS A 220 -30.17 10.55 -3.54
C LYS A 220 -29.33 9.31 -3.84
N SER A 221 -29.53 8.76 -5.03
CA SER A 221 -28.63 7.76 -5.59
C SER A 221 -27.95 8.35 -6.82
N TYR A 222 -26.72 7.93 -7.09
CA TYR A 222 -25.98 8.45 -8.23
C TYR A 222 -25.61 7.36 -9.22
N ILE A 223 -25.67 7.70 -10.51
CA ILE A 223 -25.17 6.83 -11.56
C ILE A 223 -24.19 7.62 -12.42
N GLN A 224 -22.90 7.47 -12.11
CA GLN A 224 -21.84 8.22 -12.79
C GLN A 224 -21.15 7.35 -13.84
N SER A 225 -21.29 7.74 -15.11
CA SER A 225 -20.68 7.01 -16.20
C SER A 225 -19.30 7.55 -16.57
N SER A 226 -18.49 6.70 -17.20
CA SER A 226 -17.15 7.10 -17.64
C SER A 226 -17.24 7.97 -18.89
N THR A 227 -18.46 8.17 -19.38
CA THR A 227 -18.68 9.00 -20.56
C THR A 227 -18.87 10.46 -20.16
N GLY A 228 -18.97 10.70 -18.85
CA GLY A 228 -19.22 12.03 -18.34
C GLY A 228 -20.68 12.19 -17.92
N LEU A 229 -21.54 11.41 -18.55
CA LEU A 229 -22.97 11.45 -18.24
C LEU A 229 -23.24 11.07 -16.79
N LEU A 230 -24.19 11.76 -16.18
CA LEU A 230 -24.54 11.53 -14.78
C LEU A 230 -26.05 11.51 -14.58
N CYS A 231 -26.53 10.52 -13.83
CA CYS A 231 -27.94 10.46 -13.47
C CYS A 231 -28.10 10.62 -11.97
N VAL A 232 -28.94 11.57 -11.57
CA VAL A 232 -29.21 11.80 -10.16
C VAL A 232 -30.65 11.41 -9.82
N ILE A 233 -30.80 10.39 -8.98
CA ILE A 233 -32.12 9.92 -8.58
C ILE A 233 -32.46 10.43 -7.18
N GLU A 234 -33.55 11.17 -7.07
CA GLU A 234 -33.96 11.76 -5.81
C GLU A 234 -35.22 11.07 -5.29
N PHE A 235 -35.13 10.47 -4.11
CA PHE A 235 -36.25 9.71 -3.56
C PHE A 235 -37.07 10.50 -2.55
N SER A 236 -38.39 10.32 -2.60
CA SER A 236 -39.30 10.98 -1.67
C SER A 236 -40.45 10.03 -1.33
N GLY A 237 -41.02 10.20 -0.14
CA GLY A 237 -42.10 9.34 0.31
C GLY A 237 -43.36 10.11 0.68
N ARG A 238 -43.87 9.83 1.86
CA ARG A 238 -45.09 10.49 2.36
C ARG A 238 -46.29 10.17 1.46
N GLY A 243 -47.84 13.47 -1.06
CA GLY A 243 -47.15 12.72 -2.08
C GLY A 243 -47.49 11.25 -2.05
N LYS A 244 -47.08 10.52 -3.09
CA LYS A 244 -47.36 9.08 -3.17
C LYS A 244 -46.20 8.25 -2.64
N LYS A 245 -46.50 6.98 -2.33
CA LYS A 245 -45.52 6.06 -1.79
C LYS A 245 -44.46 5.70 -2.81
N ASN A 246 -43.21 5.61 -2.36
CA ASN A 246 -42.11 5.17 -3.20
C ASN A 246 -41.90 6.02 -4.45
N SER A 247 -41.96 7.34 -4.27
CA SER A 247 -41.81 8.26 -5.40
C SER A 247 -40.35 8.66 -5.61
N PHE A 248 -40.02 9.00 -6.85
CA PHE A 248 -38.66 9.39 -7.18
C PHE A 248 -38.63 10.33 -8.40
N LYS A 249 -37.57 11.12 -8.48
CA LYS A 249 -37.30 11.93 -9.66
C LYS A 249 -35.86 11.69 -10.12
N ALA A 250 -35.69 11.30 -11.37
CA ALA A 250 -34.37 11.00 -11.91
C ALA A 250 -34.02 11.94 -13.06
N ARG A 251 -32.95 12.70 -12.88
CA ARG A 251 -32.50 13.64 -13.91
C ARG A 251 -31.16 13.23 -14.51
N ILE A 252 -31.06 13.28 -15.82
CA ILE A 252 -29.84 12.93 -16.53
C ILE A 252 -29.11 14.17 -17.02
N TYR A 253 -27.82 14.26 -16.73
CA TYR A 253 -27.01 15.42 -17.11
C TYR A 253 -25.86 15.03 -18.03
N LYS A 254 -25.47 15.97 -18.89
CA LYS A 254 -24.35 15.75 -19.82
C LYS A 254 -23.04 15.65 -19.05
N ASP A 255 -22.92 16.44 -17.99
CA ASP A 255 -21.75 16.43 -17.13
C ASP A 255 -22.13 16.75 -15.69
N SER A 256 -21.16 16.61 -14.79
CA SER A 256 -21.37 16.83 -13.36
C SER A 256 -21.50 18.32 -13.04
N LYS A 257 -21.10 19.16 -13.98
CA LYS A 257 -21.21 20.61 -13.81
C LYS A 257 -22.66 21.02 -13.95
N ASP A 258 -23.34 20.41 -14.92
CA ASP A 258 -24.74 20.68 -15.19
C ASP A 258 -25.63 20.22 -14.04
N SER A 259 -25.21 19.18 -13.34
CA SER A 259 -26.02 18.61 -12.26
C SER A 259 -26.33 19.63 -11.17
N LYS A 260 -25.57 20.72 -11.15
CA LYS A 260 -25.77 21.77 -10.16
C LYS A 260 -27.09 22.49 -10.39
N ASP A 261 -27.55 22.49 -11.64
CA ASP A 261 -28.80 23.16 -12.00
C ASP A 261 -29.75 22.17 -12.68
N LYS A 262 -30.83 21.83 -11.98
CA LYS A 262 -31.80 20.86 -12.48
C LYS A 262 -32.38 21.24 -13.85
N GLU A 263 -32.41 22.54 -14.13
CA GLU A 263 -32.97 23.04 -15.38
C GLU A 263 -32.11 22.64 -16.59
N LYS A 264 -30.88 22.19 -16.32
CA LYS A 264 -29.98 21.77 -17.38
C LYS A 264 -30.22 20.32 -17.79
N ALA A 265 -31.05 19.62 -17.03
CA ALA A 265 -31.30 18.20 -17.25
C ALA A 265 -31.75 17.87 -18.66
N LEU A 266 -31.08 16.90 -19.28
CA LEU A 266 -31.42 16.45 -20.63
C LEU A 266 -32.73 15.68 -20.64
N TYR A 267 -32.93 14.86 -19.60
CA TYR A 267 -34.18 14.13 -19.41
C TYR A 267 -34.62 14.24 -17.96
N THR A 268 -35.93 14.11 -17.73
CA THR A 268 -36.46 14.10 -16.37
C THR A 268 -37.46 12.96 -16.23
N ILE A 269 -37.17 12.03 -15.33
CA ILE A 269 -38.01 10.87 -15.11
C ILE A 269 -38.69 10.96 -13.75
N SER A 270 -39.97 10.65 -13.68
CA SER A 270 -40.72 10.82 -12.45
C SER A 270 -41.84 9.78 -12.27
N GLY A 271 -42.08 9.40 -11.02
CA GLY A 271 -43.11 8.42 -10.70
C GLY A 271 -42.73 7.56 -9.53
N GLN A 272 -43.33 6.38 -9.44
CA GLN A 272 -43.03 5.44 -8.37
C GLN A 272 -42.16 4.30 -8.88
N TRP A 273 -41.09 3.99 -8.14
CA TRP A 273 -40.17 2.93 -8.52
C TRP A 273 -40.77 1.54 -8.27
N SER A 274 -41.86 1.51 -7.51
CA SER A 274 -42.60 0.27 -7.28
C SER A 274 -43.81 0.22 -8.19
N GLY A 275 -43.99 1.27 -8.98
CA GLY A 275 -45.09 1.36 -9.93
C GLY A 275 -44.61 1.80 -11.29
N SER A 276 -45.28 2.80 -11.86
CA SER A 276 -44.90 3.32 -13.17
C SER A 276 -44.28 4.71 -13.06
N SER A 277 -43.52 5.10 -14.08
CA SER A 277 -42.90 6.41 -14.11
C SER A 277 -42.86 6.97 -15.53
N LYS A 278 -42.94 8.29 -15.64
CA LYS A 278 -42.93 8.98 -16.93
C LYS A 278 -41.58 9.62 -17.19
N ILE A 279 -41.29 9.88 -18.47
CA ILE A 279 -40.05 10.54 -18.85
C ILE A 279 -40.32 11.75 -19.75
N ILE A 280 -39.66 12.86 -19.44
CA ILE A 280 -39.77 14.07 -20.23
C ILE A 280 -38.40 14.51 -20.73
N LYS A 281 -38.27 14.64 -22.04
CA LYS A 281 -37.02 15.13 -22.64
C LYS A 281 -37.00 16.66 -22.63
N ALA A 282 -35.92 17.22 -22.09
CA ALA A 282 -35.78 18.67 -21.99
C ALA A 282 -37.02 19.29 -21.37
N ASN A 283 -37.71 20.12 -22.15
CA ASN A 283 -38.93 20.78 -21.67
C ASN A 283 -40.18 20.36 -22.43
N LYS A 284 -40.05 19.32 -23.25
CA LYS A 284 -41.17 18.83 -24.05
C LYS A 284 -42.21 18.11 -23.19
N LYS A 285 -42.81 18.83 -22.26
CA LYS A 285 -43.77 18.26 -21.33
C LYS A 285 -44.97 17.64 -22.04
N GLU A 286 -45.19 18.05 -23.29
CA GLU A 286 -46.31 17.53 -24.06
C GLU A 286 -46.09 16.08 -24.48
N GLU A 287 -44.84 15.73 -24.74
CA GLU A 287 -44.51 14.42 -25.26
C GLU A 287 -44.08 13.44 -24.16
N SER A 288 -44.64 13.62 -22.96
CA SER A 288 -44.34 12.73 -21.85
C SER A 288 -44.59 11.27 -22.25
N ARG A 289 -43.76 10.37 -21.72
CA ARG A 289 -43.85 8.96 -22.08
C ARG A 289 -43.74 8.05 -20.86
N LEU A 290 -44.28 6.84 -20.98
CA LEU A 290 -44.07 5.82 -19.97
C LEU A 290 -42.60 5.39 -20.03
N PHE A 291 -41.90 5.51 -18.91
CA PHE A 291 -40.49 5.14 -18.86
C PHE A 291 -40.32 3.69 -18.42
N TYR A 292 -40.66 3.41 -17.17
CA TYR A 292 -40.58 2.05 -16.65
C TYR A 292 -41.84 1.67 -15.87
N ASP A 293 -42.27 0.42 -16.03
CA ASP A 293 -43.41 -0.11 -15.30
C ASP A 293 -42.95 -1.25 -14.39
N ALA A 294 -42.82 -0.94 -13.10
CA ALA A 294 -42.31 -1.89 -12.12
C ALA A 294 -43.14 -3.17 -12.02
N ALA A 295 -44.39 -3.12 -12.46
CA ALA A 295 -45.23 -4.32 -12.50
C ALA A 295 -44.73 -5.22 -13.64
N ARG A 296 -43.65 -5.94 -13.37
CA ARG A 296 -42.96 -6.70 -14.40
C ARG A 296 -42.71 -8.13 -13.95
N ILE A 297 -42.92 -9.08 -14.86
CA ILE A 297 -42.67 -10.49 -14.58
C ILE A 297 -41.26 -10.88 -15.02
N PRO A 298 -40.48 -11.45 -14.09
CA PRO A 298 -39.16 -11.97 -14.44
C PRO A 298 -39.26 -13.03 -15.53
N ALA A 299 -38.52 -12.86 -16.60
CA ALA A 299 -38.55 -13.79 -17.73
C ALA A 299 -37.97 -15.14 -17.31
N GLU A 300 -37.14 -15.13 -16.28
CA GLU A 300 -36.49 -16.35 -15.80
C GLU A 300 -36.20 -16.24 -14.31
N HIS A 301 -36.15 -17.39 -13.64
CA HIS A 301 -35.75 -17.43 -12.25
C HIS A 301 -34.27 -17.77 -12.17
N LEU A 302 -33.64 -17.45 -11.04
CA LEU A 302 -32.23 -17.78 -10.84
C LEU A 302 -32.04 -19.28 -10.68
N ASN A 303 -31.15 -19.86 -11.48
CA ASN A 303 -30.86 -21.28 -11.38
C ASN A 303 -29.87 -21.60 -10.26
N VAL A 304 -30.37 -22.29 -9.24
CA VAL A 304 -29.53 -22.76 -8.16
C VAL A 304 -29.55 -24.29 -8.16
N LYS A 305 -28.37 -24.89 -8.05
CA LYS A 305 -28.29 -26.34 -8.07
C LYS A 305 -28.91 -26.93 -6.80
N PRO A 306 -29.38 -28.19 -6.87
CA PRO A 306 -30.00 -28.86 -5.74
C PRO A 306 -29.06 -28.99 -4.54
N LEU A 307 -29.63 -29.08 -3.35
CA LEU A 307 -28.86 -29.15 -2.11
C LEU A 307 -27.77 -30.21 -2.14
N GLU A 308 -28.06 -31.35 -2.77
CA GLU A 308 -27.12 -32.47 -2.80
C GLU A 308 -25.77 -32.09 -3.41
N GLU A 309 -25.81 -31.18 -4.38
CA GLU A 309 -24.60 -30.80 -5.12
C GLU A 309 -23.85 -29.63 -4.48
N GLN A 310 -24.48 -28.98 -3.51
CA GLN A 310 -23.92 -27.77 -2.91
C GLN A 310 -22.78 -28.03 -1.94
N HIS A 311 -21.88 -27.06 -1.83
CA HIS A 311 -20.74 -27.12 -0.92
C HIS A 311 -21.19 -26.68 0.47
N PRO A 312 -20.55 -27.24 1.52
CA PRO A 312 -20.90 -26.90 2.91
C PRO A 312 -20.88 -25.41 3.19
N LEU A 313 -20.21 -24.63 2.36
CA LEU A 313 -20.15 -23.18 2.53
C LEU A 313 -21.35 -22.48 1.90
N GLU A 314 -21.98 -23.12 0.92
CA GLU A 314 -23.11 -22.54 0.23
C GLU A 314 -24.31 -22.33 1.16
N SER A 315 -24.97 -21.19 1.00
CA SER A 315 -25.98 -20.71 1.94
C SER A 315 -27.04 -21.75 2.31
N ARG A 316 -27.88 -22.12 1.35
CA ARG A 316 -29.01 -23.01 1.60
C ARG A 316 -28.57 -24.32 2.27
N LYS A 317 -27.38 -24.79 1.92
CA LYS A 317 -26.83 -26.02 2.49
C LYS A 317 -26.46 -25.81 3.96
N ALA A 318 -25.83 -24.69 4.24
CA ALA A 318 -25.34 -24.40 5.59
C ALA A 318 -26.47 -24.06 6.57
N TRP A 319 -27.48 -23.36 6.09
CA TRP A 319 -28.62 -22.97 6.93
C TRP A 319 -29.75 -24.00 6.88
N TYR A 320 -29.54 -25.07 6.14
CA TYR A 320 -30.57 -26.08 5.90
C TYR A 320 -31.46 -26.36 7.12
N ASP A 321 -30.84 -26.80 8.21
CA ASP A 321 -31.60 -27.13 9.41
C ASP A 321 -32.41 -25.95 9.93
N VAL A 322 -31.77 -24.78 10.03
CA VAL A 322 -32.44 -23.59 10.53
C VAL A 322 -33.63 -23.22 9.65
N ALA A 323 -33.40 -23.18 8.34
CA ALA A 323 -34.45 -22.87 7.38
C ALA A 323 -35.64 -23.81 7.55
N GLY A 324 -35.34 -25.09 7.80
CA GLY A 324 -36.37 -26.08 8.03
C GLY A 324 -37.19 -25.76 9.27
N ALA A 325 -36.49 -25.55 10.38
CA ALA A 325 -37.13 -25.21 11.64
C ALA A 325 -38.02 -23.97 11.49
N ILE A 326 -37.55 -22.99 10.74
CA ILE A 326 -38.30 -21.77 10.51
C ILE A 326 -39.57 -22.04 9.70
N LYS A 327 -39.44 -22.85 8.66
CA LYS A 327 -40.60 -23.23 7.84
C LYS A 327 -41.59 -24.06 8.66
N LEU A 328 -41.08 -24.68 9.71
CA LEU A 328 -41.88 -25.57 10.54
C LEU A 328 -42.71 -24.78 11.56
N GLY A 329 -42.14 -23.68 12.04
CA GLY A 329 -42.81 -22.84 13.03
C GLY A 329 -42.41 -23.20 14.44
N ASP A 330 -41.49 -24.16 14.57
CA ASP A 330 -41.01 -24.59 15.87
C ASP A 330 -39.93 -23.62 16.37
N PHE A 331 -40.33 -22.71 17.26
CA PHE A 331 -39.42 -21.69 17.77
C PHE A 331 -38.22 -22.27 18.50
N ASN A 332 -38.46 -23.31 19.31
CA ASN A 332 -37.39 -23.96 20.05
C ASN A 332 -36.39 -24.67 19.15
N LEU A 333 -36.88 -25.24 18.05
CA LEU A 333 -36.00 -25.90 17.08
C LEU A 333 -35.18 -24.84 16.34
N ILE A 334 -35.80 -23.71 16.06
CA ILE A 334 -35.11 -22.59 15.43
C ILE A 334 -33.95 -22.13 16.31
N ALA A 335 -34.24 -21.94 17.59
CA ALA A 335 -33.23 -21.51 18.55
C ALA A 335 -32.11 -22.53 18.67
N LYS A 336 -32.47 -23.81 18.73
CA LYS A 336 -31.49 -24.87 18.87
C LYS A 336 -30.55 -24.93 17.67
N THR A 337 -31.12 -25.12 16.49
CA THR A 337 -30.33 -25.27 15.26
C THR A 337 -29.48 -24.05 14.97
N LYS A 338 -30.03 -22.86 15.22
CA LYS A 338 -29.33 -21.61 14.95
C LYS A 338 -28.16 -21.41 15.92
N THR A 339 -28.43 -21.60 17.20
CA THR A 339 -27.40 -21.43 18.23
C THR A 339 -26.20 -22.33 17.97
N GLU A 340 -26.45 -23.50 17.40
CA GLU A 340 -25.38 -24.46 17.13
C GLU A 340 -24.52 -24.01 15.95
N LEU A 341 -25.11 -23.25 15.03
CA LEU A 341 -24.39 -22.73 13.89
C LEU A 341 -23.54 -21.53 14.31
N GLU A 342 -24.14 -20.65 15.10
CA GLU A 342 -23.42 -19.50 15.63
C GLU A 342 -22.30 -19.97 16.55
N GLU A 343 -22.56 -21.05 17.28
CA GLU A 343 -21.58 -21.60 18.21
C GLU A 343 -20.35 -22.13 17.47
N THR A 344 -20.59 -22.86 16.38
CA THR A 344 -19.51 -23.40 15.57
C THR A 344 -18.67 -22.27 14.97
N GLN A 345 -19.35 -21.20 14.55
CA GLN A 345 -18.68 -20.03 14.02
C GLN A 345 -17.81 -19.35 15.07
N ARG A 346 -18.38 -19.15 16.26
CA ARG A 346 -17.66 -18.53 17.35
C ARG A 346 -16.38 -19.30 17.68
N GLU A 347 -16.55 -20.60 17.93
CA GLU A 347 -15.41 -21.44 18.29
C GLU A 347 -14.38 -21.50 17.16
N LEU A 348 -14.83 -21.23 15.94
CA LEU A 348 -13.95 -21.24 14.78
C LEU A 348 -13.03 -20.01 14.78
N ARG A 349 -13.58 -18.88 15.25
CA ARG A 349 -12.81 -17.64 15.34
C ARG A 349 -11.78 -17.76 16.46
N LYS A 350 -12.18 -18.39 17.55
CA LYS A 350 -11.28 -18.60 18.69
C LYS A 350 -10.09 -19.45 18.28
N GLU A 351 -10.31 -20.37 17.34
CA GLU A 351 -9.25 -21.23 16.86
C GLU A 351 -8.28 -20.45 15.99
N GLU A 352 -8.79 -19.43 15.30
CA GLU A 352 -7.97 -18.59 14.44
C GLU A 352 -7.19 -17.56 15.23
N GLU A 353 -7.86 -16.96 16.23
CA GLU A 353 -7.22 -15.98 17.09
C GLU A 353 -6.07 -16.61 17.86
N ALA A 354 -6.26 -17.85 18.28
CA ALA A 354 -5.24 -18.58 19.02
C ALA A 354 -4.25 -19.28 18.08
N LYS A 355 -4.13 -18.75 16.87
CA LYS A 355 -3.17 -19.27 15.90
C LYS A 355 -2.53 -18.15 15.11
N GLY A 356 -2.95 -16.92 15.38
CA GLY A 356 -2.39 -15.76 14.72
C GLY A 356 -2.90 -15.58 13.30
N ILE A 357 -3.58 -16.60 12.79
CA ILE A 357 -4.10 -16.58 11.42
C ILE A 357 -5.55 -16.07 11.42
N SER A 358 -6.02 -15.66 10.26
CA SER A 358 -7.38 -15.13 10.12
C SER A 358 -8.13 -15.80 8.99
N TRP A 359 -9.42 -15.48 8.86
CA TRP A 359 -10.25 -16.05 7.81
C TRP A 359 -9.91 -15.48 6.44
N GLN A 360 -9.70 -16.38 5.47
CA GLN A 360 -9.33 -15.98 4.12
C GLN A 360 -10.55 -15.86 3.21
N ARG A 361 -10.84 -14.64 2.76
CA ARG A 361 -11.94 -14.41 1.83
C ARG A 361 -11.67 -15.14 0.51
N ARG A 362 -12.73 -15.60 -0.14
CA ARG A 362 -12.60 -16.50 -1.27
C ARG A 362 -12.44 -15.80 -2.63
N TRP A 363 -13.36 -14.89 -2.95
CA TRP A 363 -13.35 -14.25 -4.26
C TRP A 363 -13.21 -12.73 -4.20
N PHE A 364 -13.07 -12.19 -2.99
CA PHE A 364 -13.00 -10.75 -2.83
C PHE A 364 -11.84 -10.34 -1.93
N LYS A 365 -11.13 -9.29 -2.34
CA LYS A 365 -10.02 -8.74 -1.56
C LYS A 365 -10.31 -7.30 -1.14
N ASP A 366 -9.92 -6.95 0.08
CA ASP A 366 -10.17 -5.63 0.61
C ASP A 366 -9.04 -4.65 0.30
N PHE A 367 -9.34 -3.62 -0.47
CA PHE A 367 -8.35 -2.63 -0.89
C PHE A 367 -8.46 -1.34 -0.08
N ASP A 368 -7.31 -0.72 0.17
CA ASP A 368 -7.25 0.50 0.98
C ASP A 368 -7.16 1.73 0.09
N TYR A 369 -8.20 2.57 0.14
CA TYR A 369 -8.28 3.75 -0.73
C TYR A 369 -7.91 5.04 -0.01
N SER A 370 -7.42 4.93 1.22
CA SER A 370 -7.03 6.12 1.99
C SER A 370 -5.74 6.73 1.44
N VAL A 371 -5.46 7.96 1.85
CA VAL A 371 -4.27 8.66 1.40
C VAL A 371 -3.00 8.16 2.09
N THR A 372 -3.16 7.67 3.32
CA THR A 372 -2.03 7.14 4.08
C THR A 372 -2.20 5.66 4.36
N PRO A 373 -2.16 4.83 3.30
CA PRO A 373 -2.38 3.38 3.44
C PRO A 373 -1.45 2.75 4.46
N GLU A 374 -2.00 1.88 5.29
CA GLU A 374 -1.20 1.11 6.24
C GLU A 374 -0.20 0.26 5.47
N GLU A 375 0.96 0.02 6.07
CA GLU A 375 1.99 -0.78 5.42
C GLU A 375 1.55 -2.23 5.21
N GLY A 376 1.66 -2.70 3.97
CA GLY A 376 1.30 -4.06 3.65
C GLY A 376 -0.14 -4.20 3.18
N ALA A 377 -0.84 -3.07 3.10
CA ALA A 377 -2.24 -3.07 2.66
C ALA A 377 -2.33 -3.08 1.14
N LEU A 378 -3.41 -3.67 0.64
CA LEU A 378 -3.68 -3.67 -0.80
C LEU A 378 -4.10 -2.27 -1.23
N VAL A 379 -3.53 -1.81 -2.34
CA VAL A 379 -3.81 -0.46 -2.84
C VAL A 379 -4.33 -0.51 -4.28
N PRO A 380 -5.20 0.46 -4.64
CA PRO A 380 -5.82 0.50 -5.96
C PRO A 380 -4.81 0.69 -7.09
N GLU A 381 -5.14 0.21 -8.29
CA GLU A 381 -4.29 0.37 -9.45
C GLU A 381 -4.15 1.83 -9.86
N LYS A 382 -3.38 2.07 -10.91
CA LYS A 382 -3.19 3.42 -11.45
C LYS A 382 -4.50 3.96 -12.01
N ASP A 383 -5.08 3.24 -12.96
CA ASP A 383 -6.31 3.68 -13.62
C ASP A 383 -7.53 3.06 -12.96
N ASP A 384 -7.55 3.06 -11.63
CA ASP A 384 -8.67 2.49 -10.88
C ASP A 384 -9.99 3.13 -11.29
N THR A 385 -10.94 2.31 -11.71
CA THR A 385 -12.24 2.80 -12.18
C THR A 385 -12.98 3.59 -11.11
N PHE A 386 -12.97 3.08 -9.89
CA PHE A 386 -13.70 3.73 -8.79
C PHE A 386 -13.22 5.15 -8.55
N LEU A 387 -11.91 5.32 -8.42
CA LEU A 387 -11.32 6.64 -8.21
C LEU A 387 -11.68 7.59 -9.34
N LYS A 388 -11.59 7.10 -10.58
CA LYS A 388 -11.88 7.92 -11.75
C LYS A 388 -13.33 8.42 -11.72
N LEU A 389 -14.27 7.50 -11.57
CA LEU A 389 -15.69 7.83 -11.56
C LEU A 389 -16.09 8.63 -10.34
N ALA A 390 -15.53 8.27 -9.18
CA ALA A 390 -15.82 8.99 -7.95
C ALA A 390 -15.33 10.43 -8.03
N SER A 391 -14.21 10.63 -8.72
CA SER A 391 -13.65 11.97 -8.87
C SER A 391 -14.54 12.83 -9.76
N ALA A 392 -15.12 12.22 -10.80
CA ALA A 392 -16.01 12.93 -11.70
C ALA A 392 -17.28 13.35 -10.97
N LEU A 393 -17.74 12.50 -10.06
CA LEU A 393 -18.95 12.76 -9.30
C LEU A 393 -18.66 13.61 -8.07
N ASN A 394 -17.37 13.73 -7.74
CA ASN A 394 -16.94 14.38 -6.51
C ASN A 394 -17.44 13.58 -5.30
N LEU A 395 -17.47 12.26 -5.47
CA LEU A 395 -17.95 11.35 -4.45
C LEU A 395 -16.85 10.99 -3.46
N SER A 396 -17.20 10.94 -2.18
CA SER A 396 -16.25 10.57 -1.14
C SER A 396 -15.80 9.13 -1.29
N THR A 397 -14.50 8.89 -1.13
CA THR A 397 -13.94 7.54 -1.26
C THR A 397 -13.77 6.88 0.10
N LYS A 398 -14.23 7.54 1.15
CA LYS A 398 -14.14 7.01 2.50
C LYS A 398 -15.29 6.05 2.80
N ASN A 399 -15.22 5.40 3.95
CA ASN A 399 -16.29 4.51 4.39
C ASN A 399 -17.46 5.29 5.00
N ALA A 400 -17.86 6.35 4.31
CA ALA A 400 -19.02 7.14 4.72
C ALA A 400 -20.26 6.52 4.11
N PRO A 401 -21.45 6.89 4.62
CA PRO A 401 -22.69 6.38 4.03
C PRO A 401 -22.70 6.55 2.52
N SER A 402 -23.27 5.57 1.81
CA SER A 402 -23.33 5.61 0.36
C SER A 402 -23.95 6.91 -0.13
N GLY A 403 -23.29 7.55 -1.10
CA GLY A 403 -23.80 8.78 -1.67
C GLY A 403 -23.18 10.03 -1.07
N THR A 404 -22.41 9.84 0.00
CA THR A 404 -21.71 10.95 0.64
C THR A 404 -20.74 11.60 -0.35
N LEU A 405 -20.85 12.93 -0.48
CA LEU A 405 -19.97 13.68 -1.38
C LEU A 405 -18.77 14.22 -0.63
N VAL A 406 -17.69 14.50 -1.35
CA VAL A 406 -16.48 15.04 -0.75
C VAL A 406 -16.75 16.39 -0.09
N GLY A 407 -16.56 16.44 1.23
CA GLY A 407 -16.77 17.67 1.97
C GLY A 407 -17.91 17.61 2.96
N ASP A 408 -18.81 16.65 2.76
CA ASP A 408 -19.96 16.48 3.64
C ASP A 408 -19.52 16.17 5.07
N LYS A 409 -20.43 16.36 6.02
CA LYS A 409 -20.13 16.14 7.44
C LYS A 409 -19.56 14.74 7.68
N GLU A 410 -20.16 13.74 7.04
CA GLU A 410 -19.72 12.36 7.18
C GLU A 410 -18.34 12.12 6.59
N ASP A 411 -18.02 12.88 5.54
CA ASP A 411 -16.74 12.72 4.85
C ASP A 411 -15.57 13.22 5.70
N ARG A 412 -15.81 14.28 6.46
CA ARG A 412 -14.76 14.88 7.27
C ARG A 412 -14.79 14.39 8.72
N LYS A 413 -15.26 13.17 8.92
CA LYS A 413 -15.33 12.60 10.26
C LYS A 413 -13.99 11.93 10.64
N GLU A 414 -13.64 12.03 11.92
CA GLU A 414 -12.32 11.63 12.40
C GLU A 414 -11.99 10.16 12.21
N ASP A 415 -10.77 9.89 11.76
CA ASP A 415 -10.24 8.53 11.66
C ASP A 415 -11.07 7.61 10.77
N LEU A 416 -11.80 8.18 9.83
CA LEU A 416 -12.62 7.39 8.92
C LEU A 416 -11.76 6.65 7.92
N SER A 417 -11.97 5.34 7.81
CA SER A 417 -11.18 4.51 6.91
C SER A 417 -11.73 4.53 5.48
N SER A 418 -11.08 3.78 4.59
CA SER A 418 -11.49 3.74 3.19
C SER A 418 -11.27 2.37 2.56
N ILE A 419 -11.62 1.32 3.28
CA ILE A 419 -11.46 -0.04 2.78
C ILE A 419 -12.67 -0.46 1.93
N HIS A 420 -12.40 -0.86 0.69
CA HIS A 420 -13.46 -1.31 -0.22
C HIS A 420 -13.17 -2.71 -0.75
N TRP A 421 -14.18 -3.57 -0.71
CA TRP A 421 -14.05 -4.93 -1.22
C TRP A 421 -14.14 -4.96 -2.73
N ARG A 422 -13.23 -5.69 -3.37
CA ARG A 422 -13.20 -5.78 -4.82
C ARG A 422 -13.21 -7.22 -5.28
N PHE A 423 -13.91 -7.48 -6.39
CA PHE A 423 -13.97 -8.80 -6.97
C PHE A 423 -12.65 -9.13 -7.69
N GLN A 424 -12.26 -10.40 -7.62
CA GLN A 424 -11.08 -10.87 -8.33
C GLN A 424 -11.48 -12.02 -9.26
N ARG A 425 -11.69 -11.70 -10.53
CA ARG A 425 -12.10 -12.69 -11.51
C ARG A 425 -11.16 -13.90 -11.54
N GLU A 426 -9.89 -13.65 -11.24
CA GLU A 426 -8.89 -14.71 -11.24
C GLU A 426 -9.18 -15.76 -10.16
N LEU A 427 -9.60 -15.28 -8.99
CA LEU A 427 -9.92 -16.17 -7.88
C LEU A 427 -11.06 -17.13 -8.24
N TRP A 428 -11.96 -16.68 -9.09
CA TRP A 428 -13.07 -17.53 -9.54
C TRP A 428 -12.62 -18.46 -10.66
N ASP A 429 -11.74 -17.98 -11.53
CA ASP A 429 -11.18 -18.80 -12.59
C ASP A 429 -10.39 -19.96 -12.01
N GLU A 430 -9.69 -19.70 -10.90
CA GLU A 430 -8.88 -20.72 -10.24
C GLU A 430 -9.71 -21.62 -9.34
N GLU A 431 -11.01 -21.32 -9.24
CA GLU A 431 -11.91 -22.09 -8.39
C GLU A 431 -11.90 -23.57 -8.74
N LYS A 432 -11.86 -24.42 -7.72
CA LYS A 432 -11.79 -25.87 -7.91
C LYS A 432 -12.97 -26.63 -7.33
N GLU A 433 -13.54 -26.10 -6.24
CA GLU A 433 -14.62 -26.80 -5.53
C GLU A 433 -16.00 -26.31 -5.96
N ILE A 434 -16.25 -25.02 -5.81
CA ILE A 434 -17.56 -24.45 -6.13
C ILE A 434 -17.87 -24.48 -7.62
N VAL A 435 -19.03 -25.02 -7.97
CA VAL A 435 -19.49 -25.05 -9.35
C VAL A 435 -20.89 -24.47 -9.46
N LEU A 436 -21.40 -24.37 -10.68
CA LEU A 436 -22.72 -23.79 -10.91
C LEU A 436 -23.73 -24.86 -11.35
N PHE B 22 38.59 26.58 -12.42
CA PHE B 22 39.35 25.70 -11.54
C PHE B 22 38.93 24.25 -11.69
N ASN B 23 39.92 23.36 -11.83
CA ASN B 23 39.65 21.93 -11.95
C ASN B 23 40.42 21.12 -10.91
N GLY B 24 39.73 20.69 -9.87
CA GLY B 24 40.34 19.91 -8.81
C GLY B 24 39.33 19.45 -7.77
N ASP B 25 39.76 18.55 -6.90
CA ASP B 25 38.89 18.03 -5.85
C ASP B 25 38.47 19.17 -4.93
N LEU B 26 37.17 19.45 -4.91
CA LEU B 26 36.63 20.58 -4.15
C LEU B 26 36.93 20.50 -2.66
N SER B 27 37.33 19.33 -2.19
CA SER B 27 37.66 19.14 -0.78
C SER B 27 38.95 19.87 -0.41
N SER B 28 39.71 20.28 -1.41
CA SER B 28 40.95 21.00 -1.19
C SER B 28 40.70 22.47 -0.86
N LEU B 29 39.52 22.95 -1.23
CA LEU B 29 39.16 24.35 -1.01
C LEU B 29 38.51 24.56 0.35
N SER B 30 38.06 25.79 0.60
CA SER B 30 37.41 26.14 1.87
C SER B 30 36.05 26.77 1.61
N ALA B 31 35.05 26.31 2.37
CA ALA B 31 33.69 26.83 2.22
C ALA B 31 33.47 28.04 3.12
N PRO B 32 32.73 29.03 2.62
CA PRO B 32 32.39 30.24 3.38
C PRO B 32 31.55 29.91 4.61
N PRO B 33 31.89 30.52 5.76
CA PRO B 33 31.24 30.26 7.05
C PRO B 33 29.71 30.35 6.99
N PHE B 34 29.19 31.25 6.17
CA PHE B 34 27.74 31.44 6.10
C PHE B 34 27.03 30.15 5.67
N ILE B 35 27.53 29.54 4.62
CA ILE B 35 26.95 28.29 4.12
C ILE B 35 27.63 27.10 4.78
N LEU B 36 27.52 27.02 6.10
CA LEU B 36 28.18 25.96 6.86
C LEU B 36 27.36 25.54 8.07
N SER B 37 27.30 24.22 8.29
CA SER B 37 26.51 23.66 9.38
C SER B 37 27.35 23.37 10.61
N PRO B 38 26.74 23.48 11.80
CA PRO B 38 27.44 23.22 13.07
C PRO B 38 27.56 21.73 13.37
N ILE B 39 27.22 20.90 12.39
CA ILE B 39 27.30 19.45 12.57
C ILE B 39 28.32 18.81 11.64
N SER B 40 29.17 17.95 12.20
CA SER B 40 30.20 17.28 11.42
C SER B 40 29.59 16.19 10.55
N LEU B 41 30.36 15.74 9.55
CA LEU B 41 29.87 14.73 8.61
C LEU B 41 29.96 13.33 9.22
N THR B 42 30.65 13.21 10.35
CA THR B 42 30.78 11.94 11.03
C THR B 42 29.49 11.55 11.75
N GLU B 43 28.58 12.51 11.89
CA GLU B 43 27.30 12.25 12.52
C GLU B 43 26.28 11.72 11.52
N PHE B 44 26.69 11.64 10.26
CA PHE B 44 25.83 11.11 9.21
C PHE B 44 25.92 9.58 9.14
N SER B 45 26.72 9.01 10.02
CA SER B 45 26.86 7.56 10.08
C SER B 45 25.65 6.93 10.76
N GLN B 46 24.99 7.69 11.62
CA GLN B 46 23.80 7.21 12.34
C GLN B 46 22.66 6.95 11.36
N TYR B 47 22.75 7.56 10.18
CA TYR B 47 21.67 7.47 9.20
C TYR B 47 21.66 6.15 8.44
N TRP B 48 22.44 5.18 8.93
CA TRP B 48 22.40 3.84 8.37
C TRP B 48 21.47 2.94 9.19
N ALA B 49 21.07 3.45 10.35
CA ALA B 49 20.16 2.72 11.23
C ALA B 49 19.34 3.69 12.08
N GLU B 50 18.77 4.71 11.45
CA GLU B 50 17.98 5.70 12.16
C GLU B 50 16.69 5.11 12.70
N HIS B 51 16.12 4.17 11.96
CA HIS B 51 14.93 3.44 12.42
C HIS B 51 15.36 2.08 12.95
N PRO B 52 15.51 1.96 14.27
CA PRO B 52 16.01 0.75 14.95
C PRO B 52 15.19 -0.49 14.63
N GLU B 53 13.88 -0.36 14.52
CA GLU B 53 13.02 -1.51 14.25
C GLU B 53 13.29 -2.11 12.88
N LEU B 54 13.49 -1.25 11.89
CA LEU B 54 13.76 -1.71 10.53
C LEU B 54 15.16 -2.30 10.42
N PHE B 55 16.05 -1.84 11.28
CA PHE B 55 17.44 -2.30 11.28
C PHE B 55 17.56 -3.70 11.89
N LEU B 56 16.74 -3.98 12.90
CA LEU B 56 16.80 -5.25 13.61
C LEU B 56 15.78 -6.26 13.09
N GLU B 57 14.75 -5.76 12.41
CA GLU B 57 13.65 -6.60 11.95
C GLU B 57 14.06 -7.93 11.33
N PRO B 58 14.99 -7.90 10.35
CA PRO B 58 15.39 -9.14 9.67
C PRO B 58 15.83 -10.25 10.62
N SER B 59 16.39 -9.89 11.76
CA SER B 59 16.91 -10.88 12.70
C SER B 59 15.82 -11.51 13.56
N PHE B 60 14.57 -11.12 13.30
CA PHE B 60 13.43 -11.71 13.99
C PHE B 60 12.64 -12.61 13.06
N ILE B 61 13.19 -12.84 11.87
CA ILE B 61 12.55 -13.69 10.88
C ILE B 61 13.21 -15.05 10.81
N ASN B 62 12.52 -16.07 11.32
CA ASN B 62 13.04 -17.43 11.33
C ASN B 62 12.17 -18.39 10.52
N ASP B 63 12.50 -19.67 10.58
CA ASP B 63 11.79 -20.69 9.81
C ASP B 63 10.32 -20.80 10.20
N ASP B 64 9.97 -20.30 11.37
CA ASP B 64 8.64 -20.52 11.92
C ASP B 64 7.68 -19.34 11.79
N ASN B 65 8.22 -18.14 11.54
CA ASN B 65 7.40 -16.94 11.56
C ASN B 65 7.59 -15.98 10.39
N TYR B 66 8.25 -16.44 9.33
CA TYR B 66 8.58 -15.54 8.22
C TYR B 66 7.37 -15.08 7.43
N LYS B 67 6.27 -15.83 7.51
CA LYS B 67 5.04 -15.47 6.80
C LYS B 67 4.20 -14.47 7.57
N GLU B 68 4.29 -14.52 8.91
CA GLU B 68 3.53 -13.62 9.76
C GLU B 68 4.22 -12.26 9.90
N HIS B 69 5.50 -12.21 9.56
CA HIS B 69 6.26 -10.97 9.60
C HIS B 69 6.17 -10.22 8.28
N CYS B 70 5.92 -10.97 7.20
CA CYS B 70 5.89 -10.39 5.86
C CYS B 70 4.52 -9.83 5.53
N LEU B 71 4.27 -8.59 5.92
CA LEU B 71 2.98 -7.94 5.68
C LEU B 71 2.77 -7.64 4.21
N ILE B 72 3.86 -7.35 3.49
CA ILE B 72 3.76 -7.01 2.08
C ILE B 72 3.66 -8.26 1.19
N ASP B 73 3.70 -9.43 1.82
CA ASP B 73 3.51 -10.69 1.10
C ASP B 73 3.21 -11.82 2.08
N PRO B 74 1.92 -12.00 2.43
CA PRO B 74 1.47 -13.06 3.33
C PRO B 74 1.77 -14.44 2.78
N GLU B 75 2.09 -14.52 1.49
CA GLU B 75 2.36 -15.80 0.84
C GLU B 75 3.81 -15.92 0.36
N VAL B 76 4.72 -15.22 1.05
CA VAL B 76 6.14 -15.35 0.75
C VAL B 76 6.57 -16.79 0.99
N GLU B 77 7.50 -17.28 0.18
CA GLU B 77 7.85 -18.70 0.24
C GLU B 77 9.13 -19.01 1.02
N SER B 78 10.08 -18.09 1.01
CA SER B 78 11.35 -18.30 1.71
C SER B 78 11.52 -17.33 2.88
N PRO B 79 12.03 -17.84 4.01
CA PRO B 79 12.43 -16.96 5.11
C PRO B 79 13.63 -16.13 4.67
N GLU B 80 14.43 -16.67 3.76
CA GLU B 80 15.52 -15.92 3.14
C GLU B 80 14.94 -14.79 2.30
N LEU B 81 13.89 -15.11 1.56
CA LEU B 81 13.22 -14.13 0.70
C LEU B 81 12.55 -13.05 1.56
N ALA B 82 11.95 -13.47 2.66
CA ALA B 82 11.29 -12.55 3.57
C ALA B 82 12.29 -11.60 4.22
N ARG B 83 13.51 -12.08 4.43
CA ARG B 83 14.57 -11.25 5.02
C ARG B 83 15.08 -10.23 4.02
N MET B 84 15.24 -10.63 2.78
CA MET B 84 15.67 -9.71 1.72
C MET B 84 14.67 -8.57 1.59
N LEU B 85 13.38 -8.90 1.66
CA LEU B 85 12.33 -7.90 1.59
C LEU B 85 12.42 -6.92 2.75
N ALA B 86 12.86 -7.42 3.90
CA ALA B 86 13.01 -6.59 5.09
C ALA B 86 14.25 -5.69 4.99
N VAL B 87 15.33 -6.25 4.46
CA VAL B 87 16.56 -5.48 4.26
C VAL B 87 16.36 -4.41 3.21
N THR B 88 15.63 -4.74 2.15
CA THR B 88 15.31 -3.78 1.11
C THR B 88 14.54 -2.60 1.69
N LYS B 89 13.57 -2.91 2.54
CA LYS B 89 12.80 -1.88 3.23
C LYS B 89 13.73 -1.00 4.06
N TRP B 90 14.63 -1.65 4.79
CA TRP B 90 15.59 -0.95 5.65
C TRP B 90 16.48 -0.01 4.86
N PHE B 91 16.97 -0.47 3.71
CA PHE B 91 17.85 0.35 2.88
C PHE B 91 17.14 1.59 2.36
N ILE B 92 15.86 1.44 2.00
CA ILE B 92 15.08 2.55 1.48
C ILE B 92 14.88 3.62 2.56
N SER B 93 14.76 3.19 3.81
CA SER B 93 14.49 4.10 4.91
C SER B 93 15.70 4.98 5.24
N THR B 94 16.89 4.49 4.90
CA THR B 94 18.13 5.21 5.20
C THR B 94 18.34 6.38 4.24
N LEU B 95 17.79 6.26 3.03
CA LEU B 95 18.02 7.24 1.98
C LEU B 95 17.52 8.64 2.31
N LYS B 96 16.33 8.73 2.89
CA LYS B 96 15.74 10.03 3.20
C LYS B 96 16.61 10.82 4.19
N SER B 97 17.08 10.14 5.23
CA SER B 97 17.86 10.79 6.28
C SER B 97 19.18 11.32 5.74
N GLN B 98 19.70 10.68 4.70
CA GLN B 98 21.01 11.03 4.15
C GLN B 98 20.96 11.97 2.95
N TYR B 99 19.84 11.96 2.23
CA TYR B 99 19.77 12.68 0.96
C TYR B 99 18.67 13.73 0.87
N CYS B 100 17.81 13.79 1.88
CA CYS B 100 16.72 14.76 1.85
C CYS B 100 17.00 15.92 2.81
N GLU B 109 20.49 21.96 4.15
CA GLU B 109 20.75 23.31 3.67
C GLU B 109 22.22 23.69 3.76
N LYS B 110 22.70 23.91 4.99
CA LYS B 110 24.09 24.26 5.21
C LYS B 110 24.99 23.03 5.21
N LYS B 111 26.11 23.12 4.48
CA LYS B 111 27.03 21.99 4.33
C LYS B 111 27.67 21.58 5.64
N PRO B 112 27.68 20.26 5.91
CA PRO B 112 28.29 19.71 7.13
C PRO B 112 29.78 19.99 7.20
N LEU B 113 30.36 19.88 8.39
CA LEU B 113 31.79 20.13 8.58
C LEU B 113 32.62 18.96 8.06
N ASN B 114 33.67 19.30 7.30
CA ASN B 114 34.61 18.29 6.83
C ASN B 114 35.44 17.79 8.01
N PRO B 115 35.22 16.53 8.41
CA PRO B 115 35.85 15.95 9.60
C PRO B 115 37.38 15.92 9.50
N PHE B 116 38.05 16.17 10.62
CA PHE B 116 39.51 16.08 10.67
C PHE B 116 39.94 14.63 10.87
N LEU B 117 41.17 14.32 10.45
CA LEU B 117 41.70 12.97 10.57
C LEU B 117 41.68 12.48 12.01
N GLY B 118 41.13 11.30 12.22
CA GLY B 118 41.08 10.70 13.55
C GLY B 118 39.85 11.10 14.34
N GLU B 119 39.06 12.01 13.79
CA GLU B 119 37.83 12.46 14.45
C GLU B 119 36.92 11.28 14.76
N LEU B 120 36.28 11.30 15.92
CA LEU B 120 35.43 10.21 16.35
C LEU B 120 34.02 10.68 16.68
N PHE B 121 33.04 9.79 16.50
CA PHE B 121 31.67 10.05 16.92
C PHE B 121 31.04 8.78 17.46
N VAL B 122 30.69 8.80 18.73
CA VAL B 122 30.09 7.63 19.37
C VAL B 122 28.71 7.95 19.94
N GLY B 123 27.77 7.03 19.71
CA GLY B 123 26.42 7.16 20.22
C GLY B 123 25.81 5.79 20.43
N LYS B 124 24.55 5.75 20.84
CA LYS B 124 23.87 4.48 21.05
C LYS B 124 22.36 4.61 21.08
N TRP B 125 21.67 3.60 20.55
CA TRP B 125 20.23 3.50 20.65
C TRP B 125 19.88 2.52 21.77
N GLU B 126 19.28 3.02 22.83
CA GLU B 126 18.96 2.20 24.00
C GLU B 126 17.74 1.31 23.76
N ASN B 127 16.82 1.78 22.93
CA ASN B 127 15.62 1.03 22.61
C ASN B 127 14.88 0.59 23.88
N LYS B 128 14.74 1.51 24.82
CA LYS B 128 14.14 1.20 26.12
C LYS B 128 12.74 0.62 26.00
N GLU B 129 11.92 1.19 25.11
CA GLU B 129 10.54 0.76 24.97
C GLU B 129 10.43 -0.63 24.34
N HIS B 130 11.56 -1.16 23.87
CA HIS B 130 11.59 -2.49 23.28
C HIS B 130 12.72 -3.32 23.87
N PRO B 131 12.47 -3.98 25.00
CA PRO B 131 13.45 -4.79 25.73
C PRO B 131 14.03 -5.91 24.86
N GLU B 132 13.25 -6.39 23.90
CA GLU B 132 13.69 -7.48 23.04
C GLU B 132 14.73 -7.00 22.03
N PHE B 133 14.83 -5.69 21.85
CA PHE B 133 15.83 -5.12 20.95
C PHE B 133 17.21 -5.12 21.59
N GLY B 134 17.32 -4.47 22.75
CA GLY B 134 18.60 -4.28 23.38
C GLY B 134 19.23 -3.00 22.85
N GLU B 135 20.45 -2.70 23.30
CA GLU B 135 21.13 -1.49 22.87
C GLU B 135 21.90 -1.69 21.56
N THR B 136 21.89 -0.65 20.73
CA THR B 136 22.63 -0.66 19.47
C THR B 136 23.72 0.40 19.52
N VAL B 137 24.92 0.04 19.07
CA VAL B 137 26.08 0.92 19.19
C VAL B 137 26.51 1.50 17.85
N LEU B 138 26.89 2.77 17.86
CA LEU B 138 27.39 3.44 16.66
C LEU B 138 28.83 3.93 16.88
N LEU B 139 29.72 3.58 15.96
CA LEU B 139 31.11 4.01 16.02
C LEU B 139 31.56 4.55 14.68
N SER B 140 31.84 5.85 14.62
CA SER B 140 32.28 6.49 13.39
C SER B 140 33.67 7.10 13.56
N GLU B 141 34.53 6.88 12.56
CA GLU B 141 35.89 7.40 12.62
C GLU B 141 36.37 7.92 11.26
N GLN B 142 36.80 9.18 11.24
CA GLN B 142 37.36 9.76 10.03
C GLN B 142 38.74 9.18 9.77
N VAL B 143 38.78 8.14 8.94
CA VAL B 143 40.02 7.39 8.72
C VAL B 143 40.91 7.99 7.63
N SER B 144 40.50 9.12 7.08
CA SER B 144 41.29 9.79 6.05
C SER B 144 40.82 11.22 5.80
N HIS B 145 41.77 12.12 5.60
CA HIS B 145 41.46 13.52 5.35
C HIS B 145 41.82 13.91 3.92
N HIS B 146 42.85 13.27 3.39
CA HIS B 146 43.27 13.47 2.01
C HIS B 146 43.30 12.14 1.28
N PRO B 147 42.17 11.74 0.69
CA PRO B 147 40.90 12.46 0.66
C PRO B 147 40.04 12.16 1.89
N PRO B 148 38.95 12.94 2.08
CA PRO B 148 38.04 12.73 3.21
C PRO B 148 37.32 11.39 3.14
N VAL B 149 37.63 10.50 4.08
CA VAL B 149 36.99 9.19 4.13
C VAL B 149 36.45 8.90 5.53
N THR B 150 35.16 8.58 5.60
CA THR B 150 34.51 8.28 6.87
C THR B 150 34.23 6.79 7.00
N ALA B 151 34.63 6.21 8.12
CA ALA B 151 34.37 4.80 8.40
C ALA B 151 33.39 4.66 9.55
N PHE B 152 32.55 3.64 9.49
CA PHE B 152 31.50 3.46 10.50
C PHE B 152 31.19 2.00 10.79
N SER B 153 30.53 1.77 11.92
CA SER B 153 30.11 0.43 12.31
C SER B 153 28.94 0.50 13.28
N ILE B 154 27.83 -0.13 12.91
CA ILE B 154 26.65 -0.18 13.77
C ILE B 154 26.33 -1.63 14.10
N PHE B 155 26.28 -1.96 15.39
CA PHE B 155 26.10 -3.35 15.80
C PHE B 155 25.16 -3.51 16.98
N ASN B 156 24.38 -4.60 16.94
CA ASN B 156 23.46 -4.96 18.01
C ASN B 156 23.75 -6.38 18.48
N ASP B 157 24.60 -6.50 19.50
CA ASP B 157 25.08 -7.81 19.94
C ASP B 157 23.96 -8.77 20.36
N LYS B 158 22.93 -8.25 21.00
CA LYS B 158 21.85 -9.08 21.51
C LYS B 158 21.21 -9.93 20.40
N ASN B 159 20.89 -9.30 19.29
CA ASN B 159 20.23 -9.98 18.18
C ASN B 159 21.21 -10.39 17.08
N LYS B 160 22.49 -10.11 17.29
CA LYS B 160 23.54 -10.48 16.35
C LYS B 160 23.37 -9.78 14.99
N VAL B 161 23.11 -8.47 15.04
CA VAL B 161 23.01 -7.67 13.82
C VAL B 161 24.23 -6.78 13.66
N LYS B 162 25.04 -7.05 12.64
CA LYS B 162 26.31 -6.39 12.45
C LYS B 162 26.34 -5.56 11.16
N LEU B 163 26.94 -4.38 11.23
CA LEU B 163 27.07 -3.52 10.06
C LEU B 163 28.38 -2.73 10.09
N GLN B 164 29.06 -2.71 8.94
CA GLN B 164 30.29 -1.93 8.79
C GLN B 164 30.42 -1.42 7.37
N GLY B 165 31.12 -0.30 7.21
CA GLY B 165 31.34 0.27 5.89
C GLY B 165 32.10 1.58 5.94
N TYR B 166 32.48 2.07 4.77
CA TYR B 166 33.16 3.36 4.66
C TYR B 166 32.65 4.13 3.45
N ASN B 167 32.65 5.45 3.55
CA ASN B 167 32.12 6.28 2.48
C ASN B 167 33.01 7.48 2.16
N GLN B 168 33.22 7.73 0.88
CA GLN B 168 34.01 8.87 0.42
C GLN B 168 33.25 9.62 -0.67
N ILE B 169 33.17 10.95 -0.53
CA ILE B 169 32.50 11.78 -1.51
C ILE B 169 33.49 12.51 -2.39
N LYS B 170 33.23 12.55 -3.69
CA LYS B 170 34.13 13.20 -4.63
C LYS B 170 33.38 14.20 -5.52
N ALA B 171 33.39 15.46 -5.10
CA ALA B 171 32.74 16.53 -5.87
C ALA B 171 33.71 17.13 -6.88
N SER B 172 33.17 17.53 -8.03
CA SER B 172 33.98 18.10 -9.10
C SER B 172 33.41 19.41 -9.60
N MET B 178 28.76 22.44 -14.14
CA MET B 178 29.18 21.05 -14.21
C MET B 178 29.69 20.55 -12.85
N LEU B 179 28.76 20.14 -12.00
CA LEU B 179 29.10 19.67 -10.66
C LEU B 179 28.85 18.18 -10.50
N THR B 180 29.87 17.38 -10.81
CA THR B 180 29.78 15.93 -10.68
C THR B 180 30.02 15.48 -9.25
N VAL B 181 29.22 14.54 -8.78
CA VAL B 181 29.38 14.01 -7.42
C VAL B 181 29.33 12.49 -7.42
N LYS B 182 30.51 11.87 -7.37
CA LYS B 182 30.60 10.42 -7.31
C LYS B 182 30.84 9.91 -5.89
N GLN B 183 30.50 8.65 -5.65
CA GLN B 183 30.63 8.07 -4.32
C GLN B 183 31.48 6.80 -4.35
N PHE B 184 32.23 6.58 -3.27
CA PHE B 184 33.08 5.40 -3.16
C PHE B 184 32.84 4.70 -1.84
N GLY B 185 32.97 3.38 -1.83
CA GLY B 185 32.79 2.60 -0.62
C GLY B 185 31.61 1.64 -0.71
N HIS B 186 31.40 0.89 0.36
CA HIS B 186 30.34 -0.10 0.41
C HIS B 186 30.00 -0.42 1.86
N THR B 187 28.78 -0.91 2.09
CA THR B 187 28.34 -1.28 3.42
C THR B 187 27.92 -2.74 3.47
N MET B 188 28.44 -3.46 4.46
CA MET B 188 28.06 -4.85 4.67
C MET B 188 27.17 -5.00 5.91
N LEU B 189 26.11 -5.78 5.78
CA LEU B 189 25.18 -6.01 6.87
C LEU B 189 25.05 -7.50 7.17
N ASP B 190 25.29 -7.86 8.42
CA ASP B 190 25.19 -9.26 8.84
C ASP B 190 23.99 -9.51 9.74
N ILE B 191 23.03 -10.28 9.23
CA ILE B 191 21.90 -10.72 10.03
C ILE B 191 22.17 -12.15 10.48
N LYS B 192 22.75 -12.28 11.67
CA LYS B 192 23.21 -13.58 12.15
C LYS B 192 24.26 -14.13 11.20
N ASP B 193 23.94 -15.25 10.54
CA ASP B 193 24.88 -15.88 9.62
C ASP B 193 24.62 -15.50 8.16
N GLU B 194 23.64 -14.65 7.93
CA GLU B 194 23.37 -14.13 6.59
C GLU B 194 24.09 -12.81 6.36
N SER B 195 24.65 -12.64 5.17
CA SER B 195 25.37 -11.42 4.83
C SER B 195 24.72 -10.66 3.69
N TYR B 196 24.87 -9.34 3.71
CA TYR B 196 24.32 -8.48 2.66
C TYR B 196 25.33 -7.39 2.28
N LEU B 197 25.64 -7.32 1.00
CA LEU B 197 26.53 -6.28 0.49
C LEU B 197 25.73 -5.17 -0.18
N VAL B 198 25.89 -3.95 0.31
CA VAL B 198 25.14 -2.82 -0.21
C VAL B 198 26.07 -1.74 -0.78
N THR B 199 25.74 -1.24 -1.96
CA THR B 199 26.52 -0.20 -2.60
C THR B 199 25.73 1.10 -2.69
N PRO B 200 26.32 2.20 -2.18
CA PRO B 200 25.69 3.53 -2.21
C PRO B 200 25.39 3.99 -3.64
N PRO B 201 24.35 4.80 -3.81
CA PRO B 201 23.89 5.24 -5.13
C PRO B 201 24.67 6.45 -5.66
N PRO B 202 24.89 6.49 -6.98
CA PRO B 202 25.41 7.72 -7.61
C PRO B 202 24.41 8.85 -7.40
N LEU B 203 24.86 10.09 -7.52
CA LEU B 203 23.98 11.22 -7.30
C LEU B 203 24.49 12.49 -7.98
N HIS B 204 23.62 13.49 -8.08
CA HIS B 204 23.99 14.77 -8.69
C HIS B 204 23.26 15.92 -7.99
N ILE B 205 23.56 17.14 -8.40
CA ILE B 205 23.02 18.33 -7.77
C ILE B 205 22.37 19.27 -8.78
N GLU B 206 21.26 19.89 -8.37
CA GLU B 206 20.62 20.94 -9.16
C GLU B 206 19.32 21.40 -8.49
N PRO B 213 18.55 23.99 -6.11
CA PRO B 213 19.72 23.18 -5.76
C PRO B 213 19.39 22.13 -4.70
N PHE B 214 19.27 20.87 -5.12
CA PHE B 214 18.98 19.79 -4.20
C PHE B 214 19.68 18.50 -4.64
N VAL B 215 19.69 17.51 -3.74
CA VAL B 215 20.33 16.24 -4.04
C VAL B 215 19.36 15.27 -4.70
N GLU B 216 19.76 14.71 -5.83
CA GLU B 216 18.94 13.72 -6.52
C GLU B 216 19.80 12.51 -6.91
N LEU B 217 19.28 11.33 -6.59
CA LEU B 217 20.01 10.09 -6.86
C LEU B 217 19.89 9.66 -8.32
N GLU B 218 20.87 8.87 -8.77
CA GLU B 218 20.88 8.40 -10.15
C GLU B 218 21.60 7.06 -10.23
N GLY B 219 21.58 6.43 -11.41
CA GLY B 219 22.27 5.18 -11.61
C GLY B 219 21.65 4.02 -10.85
N LYS B 220 22.49 3.08 -10.43
CA LYS B 220 22.01 1.89 -9.74
C LYS B 220 22.63 1.69 -8.37
N SER B 221 21.94 0.94 -7.52
CA SER B 221 22.42 0.58 -6.20
C SER B 221 22.14 -0.90 -5.97
N TYR B 222 23.02 -1.58 -5.25
CA TYR B 222 22.92 -3.04 -5.12
C TYR B 222 22.79 -3.54 -3.68
N ILE B 223 22.08 -4.66 -3.54
CA ILE B 223 22.05 -5.41 -2.29
C ILE B 223 22.22 -6.88 -2.60
N GLN B 224 23.46 -7.36 -2.57
CA GLN B 224 23.75 -8.76 -2.83
C GLN B 224 23.82 -9.55 -1.54
N SER B 225 23.09 -10.66 -1.48
CA SER B 225 23.04 -11.48 -0.28
C SER B 225 23.81 -12.79 -0.44
N SER B 226 24.20 -13.38 0.68
CA SER B 226 24.91 -14.66 0.68
C SER B 226 23.95 -15.80 0.31
N THR B 227 22.65 -15.53 0.39
CA THR B 227 21.64 -16.52 0.06
C THR B 227 21.56 -16.72 -1.46
N GLY B 228 22.04 -15.74 -2.20
CA GLY B 228 21.98 -15.77 -3.65
C GLY B 228 21.05 -14.71 -4.20
N LEU B 229 20.12 -14.26 -3.35
CA LEU B 229 19.18 -13.21 -3.74
C LEU B 229 19.90 -11.90 -4.03
N LEU B 230 19.33 -11.12 -4.94
CA LEU B 230 19.94 -9.85 -5.34
C LEU B 230 18.89 -8.79 -5.61
N CYS B 231 19.04 -7.63 -4.98
CA CYS B 231 18.15 -6.50 -5.24
C CYS B 231 18.89 -5.41 -6.02
N VAL B 232 18.30 -4.99 -7.13
CA VAL B 232 18.84 -3.91 -7.92
C VAL B 232 17.91 -2.71 -7.86
N ILE B 233 18.45 -1.55 -7.48
CA ILE B 233 17.63 -0.35 -7.34
C ILE B 233 18.05 0.73 -8.33
N GLU B 234 17.16 1.05 -9.26
CA GLU B 234 17.38 2.13 -10.21
C GLU B 234 16.81 3.43 -9.66
N PHE B 235 17.63 4.48 -9.62
CA PHE B 235 17.18 5.77 -9.11
C PHE B 235 16.82 6.74 -10.23
N SER B 236 15.64 7.34 -10.12
CA SER B 236 15.13 8.23 -11.16
C SER B 236 14.68 9.57 -10.58
N GLY B 237 14.64 10.60 -11.41
CA GLY B 237 14.24 11.92 -11.00
C GLY B 237 13.22 12.55 -11.93
N ARG B 238 12.69 13.71 -11.53
CA ARG B 238 11.70 14.42 -12.33
C ARG B 238 12.35 15.08 -13.55
N LYS B 244 8.46 12.40 -11.51
CA LYS B 244 8.43 12.60 -10.06
C LYS B 244 9.84 12.65 -9.47
N LYS B 245 9.96 13.27 -8.30
CA LYS B 245 11.26 13.47 -7.67
C LYS B 245 11.60 12.38 -6.66
N ASN B 246 12.89 12.07 -6.55
CA ASN B 246 13.37 11.07 -5.61
C ASN B 246 12.70 9.70 -5.81
N SER B 247 12.71 9.22 -7.05
CA SER B 247 12.02 7.98 -7.38
C SER B 247 12.98 6.80 -7.57
N PHE B 248 12.43 5.59 -7.57
CA PHE B 248 13.25 4.39 -7.72
C PHE B 248 12.42 3.18 -8.16
N LYS B 249 13.07 2.25 -8.84
CA LYS B 249 12.48 0.95 -9.14
C LYS B 249 13.40 -0.16 -8.65
N ALA B 250 12.94 -0.91 -7.66
CA ALA B 250 13.74 -1.98 -7.07
C ALA B 250 13.22 -3.35 -7.48
N ARG B 251 14.10 -4.20 -7.99
CA ARG B 251 13.73 -5.54 -8.40
C ARG B 251 14.56 -6.60 -7.69
N ILE B 252 13.89 -7.62 -7.17
CA ILE B 252 14.56 -8.72 -6.50
C ILE B 252 14.63 -9.93 -7.41
N TYR B 253 15.79 -10.56 -7.48
CA TYR B 253 16.00 -11.71 -8.35
C TYR B 253 16.47 -12.92 -7.56
N LYS B 254 16.28 -14.11 -8.14
CA LYS B 254 16.74 -15.34 -7.52
C LYS B 254 18.26 -15.36 -7.43
N ASP B 255 18.91 -14.87 -8.49
CA ASP B 255 20.36 -14.80 -8.54
C ASP B 255 20.83 -13.76 -9.54
N SER B 256 22.15 -13.58 -9.63
CA SER B 256 22.72 -12.57 -10.51
C SER B 256 22.51 -12.92 -11.98
N LYS B 257 22.53 -14.22 -12.28
CA LYS B 257 22.31 -14.69 -13.65
C LYS B 257 20.82 -14.62 -13.99
N ASP B 258 20.07 -13.87 -13.21
CA ASP B 258 18.64 -13.70 -13.42
C ASP B 258 18.30 -12.21 -13.47
N SER B 259 19.25 -11.38 -13.04
CA SER B 259 19.03 -9.94 -12.96
C SER B 259 19.17 -9.25 -14.31
N LYS B 260 19.61 -10.00 -15.32
CA LYS B 260 19.77 -9.45 -16.65
C LYS B 260 18.42 -9.39 -17.38
N ASP B 261 17.39 -9.95 -16.75
CA ASP B 261 16.06 -10.00 -17.34
C ASP B 261 15.02 -9.44 -16.37
N LYS B 262 14.58 -8.22 -16.62
CA LYS B 262 13.67 -7.52 -15.70
C LYS B 262 12.36 -8.25 -15.48
N GLU B 263 11.92 -9.01 -16.49
CA GLU B 263 10.66 -9.73 -16.38
C GLU B 263 10.77 -10.98 -15.52
N LYS B 264 12.00 -11.42 -15.27
CA LYS B 264 12.24 -12.58 -14.43
C LYS B 264 12.45 -12.17 -12.98
N ALA B 265 11.90 -11.02 -12.61
CA ALA B 265 12.02 -10.51 -11.25
C ALA B 265 10.93 -11.06 -10.34
N LEU B 266 11.32 -11.41 -9.13
CA LEU B 266 10.38 -11.95 -8.14
C LEU B 266 9.43 -10.85 -7.65
N TYR B 267 10.00 -9.72 -7.24
CA TYR B 267 9.21 -8.59 -6.79
C TYR B 267 9.65 -7.32 -7.52
N THR B 268 8.76 -6.34 -7.56
CA THR B 268 9.09 -5.05 -8.15
C THR B 268 8.52 -3.91 -7.31
N ILE B 269 9.41 -3.20 -6.64
CA ILE B 269 9.03 -2.08 -5.77
C ILE B 269 9.26 -0.76 -6.49
N SER B 270 8.23 0.09 -6.48
CA SER B 270 8.29 1.35 -7.22
C SER B 270 7.66 2.50 -6.43
N GLY B 271 8.24 3.69 -6.56
CA GLY B 271 7.76 4.87 -5.87
C GLY B 271 8.87 5.84 -5.55
N GLN B 272 8.69 6.62 -4.49
CA GLN B 272 9.71 7.58 -4.06
C GLN B 272 10.30 7.19 -2.71
N TRP B 273 11.61 7.27 -2.59
CA TRP B 273 12.28 6.93 -1.34
C TRP B 273 12.12 8.00 -0.27
N SER B 274 11.74 9.21 -0.68
CA SER B 274 11.44 10.28 0.26
C SER B 274 9.92 10.41 0.42
N GLY B 275 9.19 9.52 -0.24
CA GLY B 275 7.74 9.50 -0.16
C GLY B 275 7.22 8.11 0.16
N SER B 276 6.35 7.59 -0.70
CA SER B 276 5.81 6.26 -0.50
C SER B 276 6.01 5.39 -1.73
N SER B 277 6.11 4.09 -1.51
CA SER B 277 6.33 3.15 -2.61
C SER B 277 5.38 1.95 -2.55
N LYS B 278 5.13 1.35 -3.69
CA LYS B 278 4.27 0.18 -3.77
C LYS B 278 5.06 -1.02 -4.28
N ILE B 279 4.63 -2.22 -3.89
CA ILE B 279 5.30 -3.44 -4.33
C ILE B 279 4.34 -4.37 -5.06
N ILE B 280 4.80 -4.91 -6.18
CA ILE B 280 4.02 -5.85 -6.97
C ILE B 280 4.78 -7.17 -7.10
N LYS B 281 4.14 -8.26 -6.71
CA LYS B 281 4.77 -9.58 -6.80
C LYS B 281 4.66 -10.16 -8.21
N ALA B 282 5.74 -10.74 -8.68
CA ALA B 282 5.79 -11.34 -10.01
C ALA B 282 5.32 -10.36 -11.09
N ASN B 283 4.23 -10.71 -11.77
CA ASN B 283 3.66 -9.86 -12.80
C ASN B 283 2.16 -9.67 -12.61
N LYS B 284 1.73 -9.62 -11.35
CA LYS B 284 0.32 -9.45 -11.02
C LYS B 284 0.03 -8.00 -10.65
N LYS B 285 0.15 -7.11 -11.63
CA LYS B 285 -0.04 -5.68 -11.41
C LYS B 285 -1.34 -5.36 -10.69
N GLU B 286 -2.42 -6.00 -11.12
CA GLU B 286 -3.76 -5.73 -10.56
C GLU B 286 -3.78 -5.85 -9.04
N GLU B 287 -2.77 -6.50 -8.49
CA GLU B 287 -2.65 -6.64 -7.04
C GLU B 287 -1.34 -6.00 -6.56
N SER B 288 -1.45 -4.87 -5.89
CA SER B 288 -0.29 -4.14 -5.39
C SER B 288 -0.46 -3.73 -3.94
N ARG B 289 0.65 -3.67 -3.20
CA ARG B 289 0.62 -3.31 -1.79
C ARG B 289 1.57 -2.16 -1.48
N LEU B 290 1.25 -1.38 -0.45
CA LEU B 290 2.13 -0.31 -0.01
C LEU B 290 3.37 -0.89 0.66
N PHE B 291 4.53 -0.58 0.11
CA PHE B 291 5.78 -1.14 0.59
C PHE B 291 6.37 -0.34 1.75
N TYR B 292 6.59 0.95 1.53
CA TYR B 292 7.19 1.80 2.56
C TYR B 292 6.73 3.25 2.46
N ASP B 293 6.51 3.86 3.60
CA ASP B 293 6.13 5.27 3.67
C ASP B 293 7.22 6.06 4.39
N ALA B 294 7.98 6.84 3.63
CA ALA B 294 9.12 7.57 4.17
C ALA B 294 8.75 8.66 5.17
N ALA B 295 7.47 9.02 5.22
CA ALA B 295 7.00 10.01 6.17
C ALA B 295 6.96 9.40 7.57
N ARG B 296 8.02 8.69 7.91
CA ARG B 296 8.09 7.92 9.15
C ARG B 296 8.87 8.67 10.22
N ILE B 297 8.26 8.82 11.39
CA ILE B 297 8.92 9.50 12.51
C ILE B 297 9.75 8.51 13.32
N PRO B 298 11.05 8.76 13.43
CA PRO B 298 11.96 7.90 14.20
C PRO B 298 11.41 7.63 15.59
N ALA B 299 11.47 6.38 16.03
CA ALA B 299 10.95 5.98 17.34
C ALA B 299 11.86 6.45 18.46
N GLU B 300 13.16 6.41 18.24
CA GLU B 300 14.13 6.78 19.27
C GLU B 300 15.35 7.47 18.68
N HIS B 301 15.79 8.55 19.32
CA HIS B 301 16.94 9.31 18.86
C HIS B 301 18.25 8.70 19.38
N LEU B 302 19.36 9.15 18.81
CA LEU B 302 20.67 8.66 19.21
C LEU B 302 21.11 9.28 20.53
N ASN B 303 21.51 8.45 21.49
CA ASN B 303 21.93 8.93 22.79
C ASN B 303 23.41 9.29 22.82
N VAL B 304 23.70 10.57 22.72
CA VAL B 304 25.08 11.05 22.74
C VAL B 304 25.40 11.73 24.08
N LYS B 305 26.50 11.29 24.70
CA LYS B 305 26.90 11.82 25.99
C LYS B 305 27.07 13.34 25.97
N PRO B 306 26.76 14.00 27.08
CA PRO B 306 26.92 15.45 27.22
C PRO B 306 28.38 15.86 27.06
N LEU B 307 28.62 17.05 26.55
CA LEU B 307 29.97 17.56 26.30
C LEU B 307 30.91 17.33 27.48
N GLU B 308 30.41 17.57 28.69
CA GLU B 308 31.21 17.44 29.90
C GLU B 308 31.58 16.00 30.21
N GLU B 309 31.39 15.11 29.25
CA GLU B 309 31.70 13.70 29.43
C GLU B 309 32.29 13.10 28.16
N GLN B 310 32.76 13.96 27.26
CA GLN B 310 33.29 13.51 25.98
C GLN B 310 34.81 13.56 25.90
N HIS B 311 35.39 12.66 25.10
CA HIS B 311 36.80 12.67 24.82
C HIS B 311 37.11 13.87 23.92
N PRO B 312 38.31 14.45 24.05
CA PRO B 312 38.68 15.59 23.21
C PRO B 312 38.67 15.25 21.72
N LEU B 313 38.74 13.97 21.39
CA LEU B 313 38.71 13.54 19.99
C LEU B 313 37.29 13.38 19.46
N GLU B 314 36.31 13.38 20.36
CA GLU B 314 34.92 13.23 19.97
C GLU B 314 34.43 14.48 19.24
N SER B 315 33.66 14.26 18.17
CA SER B 315 33.27 15.33 17.25
C SER B 315 32.62 16.54 17.92
N ARG B 316 31.68 16.29 18.83
CA ARG B 316 30.93 17.36 19.45
C ARG B 316 31.80 18.32 20.27
N LYS B 317 32.70 17.76 21.06
CA LYS B 317 33.58 18.57 21.90
C LYS B 317 34.60 19.34 21.07
N ALA B 318 35.18 18.66 20.08
CA ALA B 318 36.22 19.25 19.24
C ALA B 318 35.72 20.47 18.48
N TRP B 319 34.54 20.35 17.88
CA TRP B 319 33.98 21.43 17.07
C TRP B 319 33.09 22.37 17.88
N TYR B 320 33.24 22.36 19.20
CA TYR B 320 32.37 23.14 20.06
C TYR B 320 32.49 24.64 19.83
N ASP B 321 33.71 25.14 19.71
CA ASP B 321 33.94 26.57 19.48
C ASP B 321 33.26 27.04 18.20
N VAL B 322 33.42 26.26 17.13
CA VAL B 322 32.83 26.58 15.84
C VAL B 322 31.31 26.44 15.89
N ALA B 323 30.84 25.41 16.59
CA ALA B 323 29.41 25.16 16.73
C ALA B 323 28.71 26.32 17.42
N GLY B 324 29.25 26.74 18.56
CA GLY B 324 28.70 27.85 19.31
C GLY B 324 28.80 29.15 18.54
N ALA B 325 29.82 29.26 17.69
CA ALA B 325 30.03 30.45 16.89
C ALA B 325 28.98 30.54 15.79
N ILE B 326 28.87 29.48 14.99
CA ILE B 326 27.90 29.43 13.89
C ILE B 326 26.47 29.55 14.41
N LYS B 327 26.23 29.00 15.59
CA LYS B 327 24.91 29.07 16.22
C LYS B 327 24.61 30.48 16.70
N LEU B 328 25.64 31.30 16.81
CA LEU B 328 25.50 32.68 17.24
C LEU B 328 25.35 33.62 16.05
N GLY B 329 26.10 33.34 14.98
CA GLY B 329 26.04 34.13 13.77
C GLY B 329 27.31 34.90 13.47
N ASP B 330 28.18 35.02 14.47
CA ASP B 330 29.43 35.77 14.32
C ASP B 330 30.34 35.11 13.28
N PHE B 331 30.34 35.67 12.08
CA PHE B 331 31.12 35.13 10.98
C PHE B 331 32.62 35.19 11.25
N ASN B 332 33.09 36.36 11.69
CA ASN B 332 34.50 36.56 12.00
C ASN B 332 34.99 35.60 13.09
N LEU B 333 34.11 35.25 14.02
CA LEU B 333 34.47 34.34 15.11
C LEU B 333 34.49 32.89 14.65
N ILE B 334 33.57 32.55 13.73
CA ILE B 334 33.55 31.23 13.13
C ILE B 334 34.86 31.01 12.38
N ALA B 335 35.31 32.08 11.73
CA ALA B 335 36.57 32.08 10.98
C ALA B 335 37.74 31.74 11.90
N LYS B 336 37.80 32.42 13.03
CA LYS B 336 38.89 32.23 13.99
C LYS B 336 38.87 30.83 14.56
N THR B 337 37.72 30.42 15.07
CA THR B 337 37.58 29.11 15.71
C THR B 337 37.87 27.95 14.75
N LYS B 338 37.48 28.12 13.49
CA LYS B 338 37.69 27.08 12.49
C LYS B 338 39.16 27.01 12.07
N THR B 339 39.67 28.12 11.54
CA THR B 339 41.06 28.20 11.10
C THR B 339 42.02 27.76 12.20
N GLU B 340 41.62 28.01 13.45
CA GLU B 340 42.38 27.59 14.60
C GLU B 340 42.60 26.08 14.58
N LEU B 341 41.51 25.33 14.59
CA LEU B 341 41.56 23.88 14.58
C LEU B 341 42.13 23.35 13.26
N GLU B 342 41.81 24.03 12.17
CA GLU B 342 42.30 23.65 10.85
C GLU B 342 43.81 23.62 10.80
N GLU B 343 44.43 24.59 11.47
CA GLU B 343 45.89 24.71 11.46
C GLU B 343 46.52 23.72 12.43
N THR B 344 45.84 23.48 13.55
CA THR B 344 46.37 22.58 14.58
C THR B 344 46.60 21.17 14.05
N GLN B 345 45.77 20.75 13.10
CA GLN B 345 45.91 19.45 12.47
C GLN B 345 47.03 19.47 11.45
N ARG B 346 47.19 20.60 10.77
CA ARG B 346 48.24 20.78 9.79
C ARG B 346 49.62 20.64 10.42
N GLU B 347 49.82 21.36 11.52
CA GLU B 347 51.11 21.31 12.23
C GLU B 347 51.28 19.96 12.91
N LEU B 348 50.16 19.29 13.20
CA LEU B 348 50.19 17.98 13.83
C LEU B 348 50.49 16.89 12.81
N ARG B 349 50.38 17.25 11.53
CA ARG B 349 50.66 16.30 10.45
C ARG B 349 52.05 16.55 9.88
N LYS B 350 52.54 17.78 10.02
CA LYS B 350 53.87 18.14 9.56
C LYS B 350 54.93 17.59 10.50
N GLU B 351 54.54 17.36 11.74
CA GLU B 351 55.44 16.78 12.74
C GLU B 351 55.58 15.29 12.52
N GLU B 352 54.48 14.63 12.16
CA GLU B 352 54.49 13.20 11.87
C GLU B 352 55.23 12.93 10.57
N GLU B 353 55.15 13.87 9.64
CA GLU B 353 55.83 13.75 8.36
C GLU B 353 57.33 13.91 8.53
N ALA B 354 57.73 14.83 9.41
CA ALA B 354 59.13 15.05 9.71
C ALA B 354 59.62 14.11 10.81
N LYS B 355 59.12 12.87 10.79
CA LYS B 355 59.50 11.88 11.79
C LYS B 355 59.25 10.47 11.27
N GLY B 356 58.77 10.39 10.04
CA GLY B 356 58.47 9.11 9.41
C GLY B 356 57.33 8.37 10.08
N ILE B 357 56.43 9.11 10.72
CA ILE B 357 55.29 8.50 11.39
C ILE B 357 54.00 8.68 10.59
N SER B 358 53.09 7.72 10.72
CA SER B 358 51.79 7.79 10.06
C SER B 358 50.68 7.66 11.09
N TRP B 359 49.68 8.53 10.98
CA TRP B 359 48.57 8.54 11.94
C TRP B 359 48.06 7.14 12.23
N GLN B 360 47.77 6.88 13.50
CA GLN B 360 47.32 5.57 13.93
C GLN B 360 45.79 5.53 14.07
N ARG B 361 45.13 4.95 13.08
CA ARG B 361 43.68 4.79 13.14
C ARG B 361 43.30 3.99 14.38
N ARG B 362 42.10 4.26 14.91
CA ARG B 362 41.69 3.69 16.19
C ARG B 362 40.96 2.36 16.06
N TRP B 363 39.82 2.37 15.40
CA TRP B 363 38.95 1.19 15.35
C TRP B 363 38.88 0.57 13.96
N PHE B 364 39.62 1.13 13.02
CA PHE B 364 39.58 0.65 11.64
C PHE B 364 40.98 0.52 11.04
N LYS B 365 41.17 -0.51 10.22
CA LYS B 365 42.44 -0.72 9.54
C LYS B 365 42.22 -0.90 8.04
N ASP B 366 43.07 -0.25 7.24
CA ASP B 366 42.97 -0.33 5.79
C ASP B 366 43.53 -1.65 5.26
N PHE B 367 42.70 -2.38 4.52
CA PHE B 367 43.10 -3.66 3.93
C PHE B 367 43.39 -3.52 2.44
N ASP B 368 44.27 -4.38 1.93
CA ASP B 368 44.66 -4.33 0.53
C ASP B 368 44.13 -5.54 -0.23
N TYR B 369 43.15 -5.30 -1.11
CA TYR B 369 42.50 -6.36 -1.86
C TYR B 369 43.11 -6.58 -3.24
N SER B 370 44.22 -5.90 -3.52
CA SER B 370 44.90 -6.03 -4.80
C SER B 370 45.56 -7.39 -4.93
N VAL B 371 45.59 -7.94 -6.15
CA VAL B 371 46.23 -9.22 -6.40
C VAL B 371 47.72 -9.12 -6.05
N THR B 372 48.32 -7.98 -6.37
CA THR B 372 49.72 -7.73 -6.04
C THR B 372 49.83 -6.58 -5.04
N PRO B 373 49.61 -6.87 -3.75
CA PRO B 373 49.63 -5.87 -2.69
C PRO B 373 51.04 -5.46 -2.29
N GLU B 374 51.18 -4.29 -1.67
CA GLU B 374 52.48 -3.81 -1.21
C GLU B 374 52.93 -4.56 0.03
N GLU B 375 54.20 -4.37 0.40
CA GLU B 375 54.76 -5.03 1.57
C GLU B 375 54.20 -4.43 2.86
N GLY B 376 54.14 -5.24 3.91
CA GLY B 376 53.66 -4.79 5.20
C GLY B 376 52.23 -4.29 5.16
N ALA B 377 51.39 -4.96 4.38
CA ALA B 377 49.99 -4.58 4.26
C ALA B 377 49.08 -5.64 4.86
N LEU B 378 47.88 -5.24 5.24
CA LEU B 378 46.89 -6.18 5.78
C LEU B 378 46.03 -6.74 4.66
N VAL B 379 45.95 -8.07 4.59
CA VAL B 379 45.20 -8.73 3.54
C VAL B 379 44.03 -9.55 4.07
N PRO B 380 42.96 -9.66 3.28
CA PRO B 380 41.74 -10.35 3.70
C PRO B 380 41.92 -11.87 3.84
N GLU B 381 41.09 -12.47 4.69
CA GLU B 381 41.09 -13.92 4.88
C GLU B 381 40.51 -14.61 3.66
N LYS B 382 40.93 -15.85 3.47
CA LYS B 382 40.48 -16.72 2.40
C LYS B 382 38.95 -16.70 2.27
N ASP B 383 38.27 -16.83 3.41
CA ASP B 383 36.82 -16.79 3.45
C ASP B 383 36.39 -15.39 3.83
N ASP B 384 36.35 -14.50 2.85
CA ASP B 384 36.00 -13.10 3.09
C ASP B 384 34.58 -12.78 2.64
N THR B 385 33.82 -12.09 3.49
CA THR B 385 32.45 -11.72 3.16
C THR B 385 32.39 -10.84 1.92
N PHE B 386 33.24 -9.82 1.87
CA PHE B 386 33.23 -8.87 0.76
C PHE B 386 33.62 -9.52 -0.56
N LEU B 387 34.64 -10.37 -0.54
CA LEU B 387 35.09 -11.05 -1.75
C LEU B 387 34.05 -12.02 -2.28
N LYS B 388 33.42 -12.77 -1.38
CA LYS B 388 32.40 -13.73 -1.77
C LYS B 388 31.19 -13.05 -2.41
N LEU B 389 30.74 -11.95 -1.79
CA LEU B 389 29.57 -11.23 -2.27
C LEU B 389 29.89 -10.39 -3.50
N ALA B 390 31.11 -9.86 -3.56
CA ALA B 390 31.55 -9.09 -4.72
C ALA B 390 31.62 -10.00 -5.94
N SER B 391 32.10 -11.22 -5.73
CA SER B 391 32.19 -12.20 -6.81
C SER B 391 30.80 -12.55 -7.35
N ALA B 392 29.86 -12.75 -6.44
CA ALA B 392 28.49 -13.10 -6.81
C ALA B 392 27.84 -11.98 -7.62
N LEU B 393 27.99 -10.75 -7.14
CA LEU B 393 27.40 -9.60 -7.80
C LEU B 393 28.23 -9.15 -8.99
N ASN B 394 29.40 -9.77 -9.15
CA ASN B 394 30.35 -9.36 -10.18
C ASN B 394 30.76 -7.92 -9.98
N LEU B 395 30.91 -7.53 -8.72
CA LEU B 395 31.25 -6.15 -8.36
C LEU B 395 32.76 -5.94 -8.40
N SER B 396 33.17 -4.76 -8.85
CA SER B 396 34.59 -4.41 -8.86
C SER B 396 35.12 -4.30 -7.44
N THR B 397 36.23 -4.97 -7.18
CA THR B 397 36.84 -4.96 -5.86
C THR B 397 37.88 -3.85 -5.74
N LYS B 398 38.01 -3.06 -6.80
CA LYS B 398 38.96 -1.95 -6.82
C LYS B 398 38.37 -0.71 -6.16
N ASN B 399 39.18 0.35 -6.08
CA ASN B 399 38.72 1.61 -5.51
C ASN B 399 37.95 2.45 -6.51
N ALA B 400 37.09 1.79 -7.27
CA ALA B 400 36.25 2.46 -8.26
C ALA B 400 34.99 2.99 -7.58
N PRO B 401 34.25 3.88 -8.27
CA PRO B 401 33.00 4.41 -7.73
C PRO B 401 32.05 3.31 -7.29
N SER B 402 31.23 3.58 -6.27
CA SER B 402 30.31 2.60 -5.73
C SER B 402 29.32 2.11 -6.78
N GLY B 403 29.23 0.80 -6.95
CA GLY B 403 28.32 0.20 -7.90
C GLY B 403 29.01 -0.21 -9.18
N THR B 404 30.31 0.04 -9.27
CA THR B 404 31.08 -0.32 -10.46
C THR B 404 31.23 -1.83 -10.57
N LEU B 405 30.92 -2.36 -11.74
CA LEU B 405 31.04 -3.78 -12.00
C LEU B 405 32.37 -4.11 -12.65
N VAL B 406 32.66 -5.41 -12.79
CA VAL B 406 33.86 -5.85 -13.48
C VAL B 406 33.69 -5.72 -14.98
N GLY B 407 34.60 -5.01 -15.63
CA GLY B 407 34.54 -4.80 -17.05
C GLY B 407 34.08 -3.39 -17.41
N ASP B 408 33.61 -2.66 -16.41
CA ASP B 408 33.19 -1.28 -16.60
C ASP B 408 34.41 -0.41 -16.89
N LYS B 409 34.18 0.74 -17.52
CA LYS B 409 35.26 1.66 -17.87
C LYS B 409 36.10 2.00 -16.63
N GLU B 410 35.44 2.23 -15.51
CA GLU B 410 36.11 2.57 -14.26
C GLU B 410 36.95 1.42 -13.72
N ASP B 411 36.54 0.19 -14.03
CA ASP B 411 37.25 -0.99 -13.58
C ASP B 411 38.53 -1.19 -14.38
N ARG B 412 38.56 -0.65 -15.58
CA ARG B 412 39.71 -0.80 -16.47
C ARG B 412 40.88 0.09 -16.06
N LYS B 413 40.56 1.20 -15.40
CA LYS B 413 41.56 2.20 -15.01
C LYS B 413 42.91 1.59 -14.66
N GLU B 414 43.97 2.19 -15.20
CA GLU B 414 45.33 1.71 -14.97
C GLU B 414 45.88 2.22 -13.64
N ASP B 415 46.59 1.36 -12.93
CA ASP B 415 47.19 1.71 -11.65
C ASP B 415 46.13 2.12 -10.62
N LEU B 416 45.00 1.41 -10.62
CA LEU B 416 43.94 1.67 -9.66
C LEU B 416 44.02 0.67 -8.52
N SER B 417 44.09 1.18 -7.29
CA SER B 417 44.27 0.35 -6.11
C SER B 417 42.98 -0.29 -5.62
N SER B 418 43.09 -1.10 -4.57
CA SER B 418 41.95 -1.78 -3.98
C SER B 418 42.05 -1.81 -2.47
N ILE B 419 42.00 -0.64 -1.85
CA ILE B 419 42.12 -0.54 -0.39
C ILE B 419 40.78 -0.19 0.25
N HIS B 420 40.29 -1.07 1.12
CA HIS B 420 39.02 -0.85 1.79
C HIS B 420 39.18 -0.85 3.31
N TRP B 421 38.47 0.07 3.97
CA TRP B 421 38.50 0.15 5.42
C TRP B 421 37.60 -0.92 6.05
N ARG B 422 38.07 -1.53 7.12
CA ARG B 422 37.34 -2.59 7.79
C ARG B 422 37.30 -2.37 9.30
N PHE B 423 36.18 -2.70 9.91
CA PHE B 423 36.00 -2.57 11.35
C PHE B 423 36.71 -3.71 12.08
N GLN B 424 37.35 -3.38 13.20
CA GLN B 424 38.03 -4.37 14.02
C GLN B 424 37.45 -4.38 15.44
N ARG B 425 36.56 -5.33 15.70
CA ARG B 425 35.85 -5.38 16.97
C ARG B 425 36.76 -5.35 18.18
N GLU B 426 37.87 -6.08 18.11
CA GLU B 426 38.82 -6.15 19.22
C GLU B 426 39.31 -4.77 19.65
N LEU B 427 39.56 -3.90 18.68
CA LEU B 427 40.03 -2.54 18.96
C LEU B 427 39.01 -1.76 19.79
N TRP B 428 37.74 -2.13 19.68
CA TRP B 428 36.69 -1.49 20.44
C TRP B 428 36.52 -2.15 21.81
N ASP B 429 36.59 -3.48 21.83
CA ASP B 429 36.49 -4.23 23.08
C ASP B 429 37.67 -3.93 23.98
N GLU B 430 38.74 -3.40 23.40
CA GLU B 430 39.96 -3.10 24.15
C GLU B 430 40.11 -1.60 24.43
N GLU B 431 39.19 -0.81 23.88
CA GLU B 431 39.16 0.63 24.14
C GLU B 431 39.22 0.87 25.64
N LYS B 432 39.84 1.98 26.06
CA LYS B 432 40.07 2.21 27.48
C LYS B 432 39.90 3.66 27.93
N GLU B 433 39.36 4.52 27.07
CA GLU B 433 39.15 5.92 27.45
C GLU B 433 37.91 6.55 26.81
N ILE B 434 37.36 5.90 25.78
CA ILE B 434 36.15 6.38 25.15
C ILE B 434 34.91 5.71 25.74
N VAL B 435 33.91 6.51 26.06
CA VAL B 435 32.68 5.99 26.65
C VAL B 435 31.46 6.26 25.77
C1 T7M C . -26.98 -13.18 14.75
O1 T7M C . -27.90 -12.74 13.76
P1 T7M C . -29.36 -12.16 14.09
C2 T7M C . -25.77 -13.85 14.07
O2 T7M C . -26.16 -15.00 13.33
C3 T7M C . -24.77 -14.32 15.11
O3 T7M C . -23.67 -14.94 14.47
C4 T7M C . -24.28 -13.17 15.97
O4 T7M C . -23.45 -13.71 16.98
P4 T7M C . -21.92 -13.29 17.16
C5 T7M C . -25.47 -12.48 16.64
O5 T7M C . -25.01 -11.42 17.48
C6 T7M C . -26.52 -12.01 15.62
O6 T7M C . -25.99 -10.97 14.78
C7 T7M C . -29.63 -9.66 15.15
C8 T7M C . -29.81 -8.18 14.68
C9 T7M C . -30.23 -8.02 13.21
C10 T7M C . -32.05 -7.52 15.57
C11 T7M C . -29.52 -6.20 11.89
O11 T7M C . -30.01 -12.75 15.28
C12 T7M C . -32.89 -6.24 15.62
O12 T7M C . -30.24 -12.43 12.76
C13 T7M C . -33.25 -5.77 14.22
O13 T7M C . -29.26 -10.53 14.08
C14 T7M C . -34.70 -6.16 13.86
C15 T7M C . -35.54 -5.06 13.78
C16 T7M C . -35.67 -4.22 12.65
O16 T7M C . -30.68 -7.47 15.65
C17 T7M C . -34.94 -4.34 11.45
O17 T7M C . -32.64 -8.58 15.51
C18 T7M C . -34.05 -3.27 11.35
O18 T7M C . -30.31 -6.61 12.93
C19 T7M C . -33.55 -2.72 10.15
O19 T7M C . -28.53 -6.86 11.55
C20 T7M C . -33.89 -3.14 8.87
C21 T7M C . -34.43 -2.07 8.15
C22 T7M C . -34.20 -1.83 6.79
C23 T7M C . -33.40 -2.63 5.96
C24 T7M C . -34.19 -3.19 4.95
C25 T7M C . -33.69 -3.83 3.82
C26 T7M C . -32.33 -4.01 3.55
C27 T7M C . -31.96 -3.64 2.10
C28 T7M C . -32.38 -4.71 1.06
C29 T7M C . -31.26 -5.70 0.72
C30 T7M C . -30.24 -5.11 -0.26
C31 T7M C . -29.87 -4.93 11.12
C32 T7M C . -30.91 -5.24 10.06
C33 T7M C . -30.26 -5.68 8.76
C34 T7M C . -31.15 -6.65 7.98
C35 T7M C . -31.75 -5.99 6.73
C36 T7M C . -33.08 -6.64 6.30
C37 T7M C . -34.22 -6.35 7.28
C38 T7M C . -35.62 -6.50 6.64
C39 T7M C . -36.72 -5.90 7.53
C40 T7M C . -37.39 -6.97 8.43
C41 T7M C . -37.99 -6.36 9.69
O41 T7M C . -21.10 -13.83 15.90
C42 T7M C . -38.63 -7.44 10.58
O42 T7M C . -21.42 -13.75 18.48
C43 T7M C . -39.10 -6.90 11.95
O43 T7M C . -21.89 -11.67 16.99
C44 T7M C . -40.63 -6.82 12.03
C45 T7M C . -41.27 -8.16 12.45
C46 T7M C . -42.74 -8.25 12.03
C1 T7M D . 38.48 22.05 5.27
O1 T7M D . 37.09 21.70 5.17
P1 T7M D . 35.91 22.74 4.72
C2 T7M D . 39.20 21.14 6.29
O2 T7M D . 38.59 21.31 7.57
C3 T7M D . 40.70 21.48 6.35
O3 T7M D . 41.40 20.64 7.29
C4 T7M D . 41.36 21.33 4.97
O4 T7M D . 42.74 21.69 5.09
P4 T7M D . 43.93 20.83 4.38
C5 T7M D . 40.66 22.25 3.95
O5 T7M D . 41.26 22.08 2.67
C6 T7M D . 39.14 21.98 3.88
O6 T7M D . 38.89 20.69 3.30
C7 T7M D . 35.71 22.13 2.20
C8 T7M D . 34.65 21.69 1.18
C9 T7M D . 34.62 22.65 -0.01
C11 T7M D . 32.41 22.65 -0.90
O11 T7M D . 36.34 24.11 4.35
O12 T7M D . 34.86 22.74 5.95
O13 T7M D . 35.15 22.07 3.49
O16 T7M D . 34.89 20.33 0.78
O18 T7M D . 33.69 22.16 -1.00
O19 T7M D . 32.13 23.48 -0.03
C31 T7M D . 31.33 22.18 -1.89
O41 T7M D . 45.26 21.46 4.59
O42 T7M D . 43.86 19.37 5.00
O43 T7M D . 43.53 20.64 2.81
#